data_1IWE
#
_entry.id   1IWE
#
_cell.length_a   129.890
_cell.length_b   69.990
_cell.length_c   105.330
_cell.angle_alpha   90.00
_cell.angle_beta   95.28
_cell.angle_gamma   90.00
#
_symmetry.space_group_name_H-M   'C 1 2 1'
#
loop_
_entity.id
_entity.type
_entity.pdbx_description
1 polymer 'Adenylosuccinate Synthetase'
2 non-polymer 'ACETATE ION'
3 non-polymer 'INOSINIC ACID'
4 non-polymer 'MAGNESIUM ION'
5 water water
#
_entity_poly.entity_id   1
_entity_poly.type   'polypeptide(L)'
_entity_poly.pdbx_seq_one_letter_code
;MSGTRASNDRPPGTGGVKRGRLQQEAAATGSRVTVVLGAQWGDEGKGKVVDLLATDADIVSRCQGGNNAGHTVVVDGKEY
DFHLLPSGIINTKAVSFIGNGVVIHLPGLFEEAEKNEKKGLKDWEKRLIISDRAHLVFDFHQAVDGLQEVQRQAQEGKNI
GTTKKGIGPTYSSKAARTGLRICDLLSDFDEFSARFKNLAHQHQSMFPTLEIDVEGQLKRLKGFAERIRPMVRDGVYFMY
EALHGPPKKVLVEGANAALLDIDFGTYPFVTSSNCTVGGVCTGLGIPPQNIGDVYGVVKAYTTRVGIGAFPTEQINEIGD
LLQNRGHEWGVTTGRKRRCGWLDLMILRYAHMVNGFTALALTKLDILDVLSEIKVGISYKLNGKRIPYFPANQEILQKVE
VEYETLPGWKADTTGARKWEDLPPQAQSYVRFVENHMGVAVKWVGVGKSRESMIQLF
;
_entity_poly.pdbx_strand_id   A,B
#
loop_
_chem_comp.id
_chem_comp.type
_chem_comp.name
_chem_comp.formula
ACT non-polymer 'ACETATE ION' 'C2 H3 O2 -1'
IMP non-polymer 'INOSINIC ACID' 'C10 H13 N4 O8 P'
MG non-polymer 'MAGNESIUM ION' 'Mg 2'
#
# COMPACT_ATOMS: atom_id res chain seq x y z
N ALA A 28 24.83 -7.59 1.62
CA ALA A 28 23.81 -8.58 1.12
C ALA A 28 22.48 -7.88 0.83
N THR A 29 21.68 -7.70 1.88
CA THR A 29 20.39 -7.03 1.74
C THR A 29 20.55 -5.52 1.68
N GLY A 30 21.76 -5.05 1.96
CA GLY A 30 22.03 -3.62 1.93
C GLY A 30 21.76 -2.96 3.27
N SER A 31 21.55 -1.65 3.25
CA SER A 31 21.26 -0.91 4.47
C SER A 31 19.77 -1.05 4.79
N ARG A 32 19.45 -1.01 6.08
CA ARG A 32 18.06 -1.10 6.50
C ARG A 32 17.64 0.29 6.96
N VAL A 33 16.49 0.75 6.51
CA VAL A 33 16.01 2.08 6.88
C VAL A 33 15.43 2.08 8.29
N THR A 34 15.48 3.25 8.93
CA THR A 34 14.92 3.40 10.27
C THR A 34 13.58 4.09 10.06
N VAL A 35 12.53 3.59 10.70
CA VAL A 35 11.20 4.14 10.52
C VAL A 35 10.57 4.68 11.80
N VAL A 36 9.87 5.81 11.67
CA VAL A 36 9.18 6.44 12.80
C VAL A 36 7.70 6.48 12.41
N LEU A 37 6.86 5.76 13.15
CA LEU A 37 5.42 5.69 12.87
C LEU A 37 4.49 6.18 13.99
N GLY A 38 3.32 6.70 13.59
CA GLY A 38 2.33 7.15 14.56
C GLY A 38 1.59 5.91 15.05
N ALA A 39 1.44 5.78 16.37
CA ALA A 39 0.77 4.62 16.94
C ALA A 39 -0.66 4.89 17.39
N GLN A 40 -1.12 6.12 17.24
CA GLN A 40 -2.47 6.45 17.68
C GLN A 40 -3.32 7.06 16.54
N TRP A 41 -3.76 8.31 16.72
CA TRP A 41 -4.55 8.98 15.70
C TRP A 41 -3.79 10.20 15.21
N GLY A 42 -2.45 10.09 15.19
CA GLY A 42 -1.63 11.17 14.72
C GLY A 42 -1.24 12.17 15.80
N ASP A 43 -0.43 13.14 15.40
CA ASP A 43 0.03 14.19 16.30
C ASP A 43 0.75 13.64 17.54
N GLU A 44 1.40 12.51 17.40
CA GLU A 44 2.11 11.91 18.54
C GLU A 44 3.46 12.54 18.80
N GLY A 45 3.93 13.37 17.87
CA GLY A 45 5.22 14.01 18.02
C GLY A 45 6.28 13.28 17.23
N LYS A 46 5.92 12.85 16.02
CA LYS A 46 6.82 12.13 15.14
C LYS A 46 7.93 13.04 14.64
N GLY A 47 7.58 14.28 14.32
CA GLY A 47 8.57 15.22 13.83
C GLY A 47 9.68 15.44 14.84
N LYS A 48 9.35 15.33 16.13
CA LYS A 48 10.33 15.51 17.19
C LYS A 48 11.31 14.34 17.26
N VAL A 49 10.80 13.12 17.09
CA VAL A 49 11.66 11.93 17.11
C VAL A 49 12.51 11.88 15.84
N VAL A 50 11.91 12.29 14.72
CA VAL A 50 12.60 12.31 13.43
C VAL A 50 13.72 13.37 13.40
N ASP A 51 13.40 14.58 13.86
CA ASP A 51 14.39 15.67 13.89
C ASP A 51 15.59 15.23 14.70
N LEU A 52 15.34 14.49 15.78
CA LEU A 52 16.38 13.99 16.66
C LEU A 52 17.20 12.93 15.94
N LEU A 53 16.53 11.95 15.35
CA LEU A 53 17.22 10.89 14.64
C LEU A 53 17.90 11.40 13.37
N ALA A 54 17.44 12.55 12.90
CA ALA A 54 17.96 13.15 11.66
C ALA A 54 19.32 13.84 11.74
N THR A 55 19.77 14.20 12.93
CA THR A 55 21.05 14.91 13.09
C THR A 55 22.23 14.26 12.35
N ASP A 56 22.21 12.94 12.18
CA ASP A 56 23.30 12.29 11.47
C ASP A 56 22.78 11.30 10.42
N ALA A 57 21.64 11.63 9.82
CA ALA A 57 21.06 10.77 8.78
C ALA A 57 21.52 11.29 7.42
N ASP A 58 21.61 10.39 6.45
CA ASP A 58 22.01 10.78 5.10
C ASP A 58 20.79 11.10 4.27
N ILE A 59 19.73 10.33 4.50
CA ILE A 59 18.48 10.51 3.78
C ILE A 59 17.32 10.48 4.78
N VAL A 60 16.45 11.47 4.69
CA VAL A 60 15.26 11.55 5.54
C VAL A 60 14.14 11.61 4.54
N SER A 61 13.26 10.63 4.57
CA SER A 61 12.20 10.59 3.57
C SER A 61 10.77 10.58 4.06
N ARG A 62 9.91 10.90 3.10
CA ARG A 62 8.48 10.95 3.30
C ARG A 62 7.91 9.76 2.54
N CYS A 63 6.92 9.13 3.19
CA CYS A 63 6.23 7.90 2.78
C CYS A 63 4.95 7.96 1.93
N GLN A 64 3.89 8.29 2.66
CA GLN A 64 2.54 8.38 2.14
C GLN A 64 1.96 9.71 2.62
N GLY A 65 0.70 9.93 2.29
CA GLY A 65 0.02 11.14 2.70
C GLY A 65 0.51 12.35 1.94
N GLY A 66 0.07 13.52 2.38
CA GLY A 66 0.47 14.76 1.74
C GLY A 66 0.63 15.81 2.82
N ASN A 67 0.16 17.02 2.55
CA ASN A 67 0.30 18.09 3.54
C ASN A 67 -0.89 18.14 4.50
N ASN A 68 -1.66 17.06 4.55
CA ASN A 68 -2.77 17.00 5.49
C ASN A 68 -2.05 16.79 6.83
N ALA A 69 -0.86 16.22 6.73
CA ALA A 69 -0.01 15.98 7.89
C ALA A 69 0.62 17.32 8.28
N GLY A 70 0.84 17.53 9.57
CA GLY A 70 1.43 18.77 10.01
C GLY A 70 2.23 18.61 11.28
N HIS A 71 3.53 18.84 11.17
CA HIS A 71 4.43 18.69 12.32
C HIS A 71 5.07 20.03 12.67
N THR A 72 5.57 20.12 13.90
CA THR A 72 6.24 21.32 14.37
C THR A 72 7.58 20.93 14.97
N VAL A 73 8.65 21.40 14.35
CA VAL A 73 10.01 21.11 14.81
C VAL A 73 10.56 22.31 15.58
N VAL A 74 11.06 22.06 16.77
CA VAL A 74 11.63 23.14 17.59
C VAL A 74 13.13 22.94 17.74
N VAL A 75 13.91 23.73 17.00
CA VAL A 75 15.36 23.64 17.06
C VAL A 75 15.95 25.01 17.37
N ASP A 76 16.66 25.10 18.50
CA ASP A 76 17.27 26.36 18.91
C ASP A 76 16.23 27.44 19.16
N GLY A 77 15.25 27.14 20.01
CA GLY A 77 14.21 28.10 20.31
C GLY A 77 13.56 28.60 19.04
N LYS A 78 13.62 27.78 17.99
CA LYS A 78 13.05 28.12 16.71
C LYS A 78 12.01 27.08 16.30
N GLU A 79 10.84 27.53 15.82
CA GLU A 79 9.77 26.62 15.44
C GLU A 79 9.49 26.57 13.93
N TYR A 80 9.39 25.36 13.41
CA TYR A 80 9.12 25.12 11.98
C TYR A 80 7.88 24.24 11.79
N ASP A 81 6.98 24.65 10.92
CA ASP A 81 5.79 23.87 10.63
C ASP A 81 5.99 23.15 9.30
N PHE A 82 6.04 21.82 9.35
CA PHE A 82 6.22 21.04 8.14
C PHE A 82 4.97 20.22 7.81
N HIS A 83 4.74 19.99 6.53
CA HIS A 83 3.58 19.24 6.06
C HIS A 83 4.03 18.26 4.99
N LEU A 84 4.65 18.76 3.93
CA LEU A 84 5.15 17.90 2.86
C LEU A 84 6.66 17.69 2.95
N LEU A 85 7.35 18.66 3.53
CA LEU A 85 8.79 18.55 3.65
C LEU A 85 9.20 17.58 4.74
N PRO A 86 10.09 16.63 4.42
CA PRO A 86 10.50 15.69 5.47
C PRO A 86 11.15 16.58 6.53
N SER A 87 10.95 16.25 7.80
CA SER A 87 11.49 17.06 8.89
C SER A 87 13.01 17.28 8.84
N GLY A 88 13.73 16.37 8.22
CA GLY A 88 15.18 16.48 8.12
C GLY A 88 15.65 17.53 7.13
N ILE A 89 14.71 18.30 6.60
CA ILE A 89 15.04 19.34 5.64
C ILE A 89 15.85 20.41 6.37
N ILE A 90 15.73 20.42 7.70
CA ILE A 90 16.48 21.37 8.53
C ILE A 90 17.98 21.03 8.52
N ASN A 91 18.30 19.75 8.30
CA ASN A 91 19.69 19.32 8.26
C ASN A 91 20.26 19.60 6.87
N THR A 92 21.17 20.58 6.78
CA THR A 92 21.77 20.96 5.50
C THR A 92 22.69 19.89 4.92
N LYS A 93 23.15 18.98 5.76
CA LYS A 93 24.05 17.91 5.34
C LYS A 93 23.30 16.65 4.89
N ALA A 94 21.99 16.64 5.09
CA ALA A 94 21.15 15.50 4.72
C ALA A 94 20.28 15.80 3.51
N VAL A 95 19.94 14.74 2.76
CA VAL A 95 19.08 14.89 1.60
C VAL A 95 17.65 14.49 2.00
N SER A 96 16.70 15.39 1.75
CA SER A 96 15.30 15.13 2.06
C SER A 96 14.67 14.52 0.83
N PHE A 97 13.90 13.45 1.03
CA PHE A 97 13.29 12.76 -0.10
C PHE A 97 11.79 12.52 0.03
N ILE A 98 11.07 12.78 -1.05
CA ILE A 98 9.62 12.55 -1.10
C ILE A 98 9.38 11.35 -2.01
N GLY A 99 8.83 10.29 -1.42
CA GLY A 99 8.57 9.06 -2.17
C GLY A 99 7.36 9.06 -3.09
N ASN A 100 7.25 7.98 -3.85
CA ASN A 100 6.17 7.79 -4.82
C ASN A 100 4.77 7.67 -4.21
N GLY A 101 4.69 7.26 -2.95
CA GLY A 101 3.37 7.11 -2.32
C GLY A 101 2.73 8.42 -1.89
N VAL A 102 3.53 9.48 -1.90
CA VAL A 102 3.03 10.80 -1.48
C VAL A 102 2.23 11.48 -2.60
N VAL A 103 1.28 12.32 -2.21
CA VAL A 103 0.49 13.08 -3.16
C VAL A 103 0.89 14.52 -2.87
N ILE A 104 1.34 15.21 -3.90
CA ILE A 104 1.85 16.57 -3.77
C ILE A 104 1.01 17.69 -4.32
N HIS A 105 0.77 18.72 -3.51
CA HIS A 105 0.05 19.90 -3.99
C HIS A 105 1.13 20.96 -4.16
N LEU A 106 1.52 21.18 -5.41
CA LEU A 106 2.56 22.13 -5.76
C LEU A 106 2.48 23.52 -5.15
N PRO A 107 1.34 24.22 -5.31
CA PRO A 107 1.26 25.55 -4.71
C PRO A 107 1.54 25.45 -3.20
N GLY A 108 0.97 24.43 -2.57
CA GLY A 108 1.18 24.24 -1.14
C GLY A 108 2.63 23.93 -0.79
N LEU A 109 3.26 23.08 -1.59
CA LEU A 109 4.65 22.70 -1.34
C LEU A 109 5.53 23.93 -1.20
N PHE A 110 5.56 24.75 -2.24
CA PHE A 110 6.37 25.95 -2.24
C PHE A 110 5.92 26.97 -1.21
N GLU A 111 4.63 26.95 -0.91
CA GLU A 111 4.04 27.84 0.09
C GLU A 111 4.67 27.47 1.43
N GLU A 112 4.72 26.16 1.70
CA GLU A 112 5.30 25.63 2.93
C GLU A 112 6.77 26.02 3.03
N ALA A 113 7.51 25.77 1.96
CA ALA A 113 8.94 26.07 1.91
C ALA A 113 9.24 27.55 2.15
N GLU A 114 8.58 28.42 1.40
CA GLU A 114 8.80 29.85 1.52
C GLU A 114 8.46 30.35 2.90
N LYS A 115 7.41 29.78 3.48
CA LYS A 115 6.97 30.15 4.83
C LYS A 115 8.12 29.87 5.80
N ASN A 116 8.85 28.78 5.56
CA ASN A 116 9.97 28.41 6.41
C ASN A 116 11.27 29.12 6.05
N GLU A 117 11.34 29.66 4.84
CA GLU A 117 12.54 30.40 4.45
C GLU A 117 12.58 31.66 5.32
N LYS A 118 11.42 32.26 5.51
CA LYS A 118 11.31 33.47 6.32
C LYS A 118 11.86 33.20 7.73
N LYS A 119 11.95 31.94 8.10
CA LYS A 119 12.45 31.57 9.42
C LYS A 119 13.89 31.09 9.40
N GLY A 120 14.54 31.16 8.23
CA GLY A 120 15.94 30.73 8.16
C GLY A 120 16.22 29.54 7.26
N LEU A 121 15.17 28.83 6.83
CA LEU A 121 15.39 27.68 5.96
C LEU A 121 16.07 28.20 4.70
N LYS A 122 17.28 27.72 4.42
CA LYS A 122 18.03 28.16 3.24
C LYS A 122 18.59 27.03 2.38
N ASP A 123 18.64 27.26 1.07
CA ASP A 123 19.16 26.30 0.11
C ASP A 123 18.43 24.96 0.15
N TRP A 124 17.15 24.97 0.52
CA TRP A 124 16.39 23.73 0.61
C TRP A 124 16.20 23.03 -0.74
N GLU A 125 15.94 23.81 -1.78
CA GLU A 125 15.72 23.22 -3.11
C GLU A 125 16.94 22.43 -3.57
N LYS A 126 18.10 22.72 -3.00
CA LYS A 126 19.33 22.03 -3.37
C LYS A 126 19.54 20.72 -2.62
N ARG A 127 18.64 20.40 -1.70
CA ARG A 127 18.77 19.15 -0.95
C ARG A 127 17.45 18.40 -0.85
N LEU A 128 16.52 18.72 -1.73
CA LEU A 128 15.22 18.04 -1.73
C LEU A 128 15.08 17.25 -3.03
N ILE A 129 14.77 15.96 -2.90
CA ILE A 129 14.58 15.11 -4.07
C ILE A 129 13.16 14.56 -4.04
N ILE A 130 12.53 14.56 -5.21
CA ILE A 130 11.15 14.07 -5.33
C ILE A 130 11.06 12.93 -6.33
N SER A 131 10.45 11.83 -5.91
CA SER A 131 10.27 10.68 -6.78
C SER A 131 9.33 11.08 -7.92
N ASP A 132 9.71 10.81 -9.17
CA ASP A 132 8.85 11.19 -10.29
C ASP A 132 7.56 10.39 -10.40
N ARG A 133 7.34 9.43 -9.48
CA ARG A 133 6.13 8.63 -9.52
C ARG A 133 5.07 9.13 -8.52
N ALA A 134 5.39 10.19 -7.79
CA ALA A 134 4.43 10.75 -6.83
C ALA A 134 3.27 11.40 -7.59
N HIS A 135 2.06 11.22 -7.07
CA HIS A 135 0.90 11.82 -7.74
C HIS A 135 0.70 13.27 -7.34
N LEU A 136 0.02 14.02 -8.20
CA LEU A 136 -0.22 15.43 -7.97
C LEU A 136 -1.61 15.75 -7.42
N VAL A 137 -1.64 16.57 -6.39
CA VAL A 137 -2.90 17.01 -5.79
C VAL A 137 -3.20 18.32 -6.51
N PHE A 138 -4.29 18.37 -7.27
CA PHE A 138 -4.61 19.60 -7.97
C PHE A 138 -5.52 20.51 -7.14
N ASP A 139 -5.65 21.76 -7.56
CA ASP A 139 -6.49 22.70 -6.84
C ASP A 139 -7.94 22.21 -6.73
N PHE A 140 -8.47 21.64 -7.81
CA PHE A 140 -9.85 21.18 -7.77
C PHE A 140 -10.02 19.96 -6.87
N HIS A 141 -8.93 19.21 -6.66
CA HIS A 141 -8.98 18.05 -5.79
C HIS A 141 -9.27 18.58 -4.38
N GLN A 142 -8.65 19.70 -4.04
CA GLN A 142 -8.86 20.31 -2.73
C GLN A 142 -10.29 20.82 -2.58
N ALA A 143 -10.82 21.43 -3.65
CA ALA A 143 -12.17 21.97 -3.62
C ALA A 143 -13.22 20.87 -3.52
N VAL A 144 -13.03 19.80 -4.30
CA VAL A 144 -13.97 18.69 -4.25
C VAL A 144 -13.99 18.09 -2.85
N ASP A 145 -12.81 18.02 -2.23
CA ASP A 145 -12.68 17.48 -0.89
C ASP A 145 -13.61 18.27 0.04
N GLY A 146 -13.54 19.59 -0.03
CA GLY A 146 -14.39 20.42 0.81
C GLY A 146 -15.85 20.27 0.41
N LEU A 147 -16.09 20.22 -0.90
CA LEU A 147 -17.45 20.09 -1.43
C LEU A 147 -18.11 18.81 -0.93
N GLN A 148 -17.40 17.69 -1.03
CA GLN A 148 -17.93 16.39 -0.60
C GLN A 148 -18.19 16.39 0.91
N GLU A 149 -17.34 17.13 1.64
CA GLU A 149 -17.47 17.23 3.08
C GLU A 149 -18.76 18.01 3.42
N VAL A 150 -18.93 19.16 2.77
CA VAL A 150 -20.11 19.99 2.98
C VAL A 150 -21.35 19.17 2.63
N GLN A 151 -21.22 18.34 1.60
CA GLN A 151 -22.31 17.48 1.16
C GLN A 151 -22.70 16.51 2.27
N ARG A 152 -21.71 15.75 2.76
CA ARG A 152 -21.94 14.77 3.82
C ARG A 152 -22.40 15.41 5.13
N GLN A 153 -22.06 16.68 5.35
CA GLN A 153 -22.46 17.36 6.57
C GLN A 153 -23.85 17.98 6.47
N ALA A 154 -24.33 18.16 5.25
CA ALA A 154 -25.65 18.75 5.02
C ALA A 154 -26.70 17.67 4.77
N GLN A 155 -26.28 16.55 4.18
CA GLN A 155 -27.19 15.46 3.90
C GLN A 155 -27.32 14.48 5.05
N GLU A 156 -26.19 14.00 5.56
CA GLU A 156 -26.20 13.05 6.68
C GLU A 156 -26.01 13.74 8.03
N GLY A 157 -25.71 15.02 7.99
CA GLY A 157 -25.50 15.76 9.23
C GLY A 157 -24.26 15.28 9.97
N LYS A 158 -23.32 14.69 9.22
CA LYS A 158 -22.08 14.18 9.78
C LYS A 158 -21.07 13.83 8.69
N ASN A 159 -19.90 14.48 8.70
CA ASN A 159 -18.88 14.21 7.70
C ASN A 159 -17.66 13.51 8.30
N ILE A 160 -16.55 13.50 7.56
CA ILE A 160 -15.33 12.84 8.01
C ILE A 160 -14.42 13.72 8.86
N GLY A 161 -14.46 15.03 8.62
CA GLY A 161 -13.58 15.92 9.36
C GLY A 161 -12.22 15.92 8.69
N THR A 162 -12.24 15.88 7.37
CA THR A 162 -11.03 15.89 6.56
C THR A 162 -10.33 17.25 6.73
N THR A 163 -9.06 17.34 6.36
CA THR A 163 -8.33 18.61 6.46
C THR A 163 -8.61 19.45 5.23
N LYS A 164 -9.46 18.92 4.34
CA LYS A 164 -9.85 19.59 3.11
C LYS A 164 -8.66 19.95 2.21
N LYS A 165 -7.62 19.13 2.25
CA LYS A 165 -6.44 19.35 1.43
C LYS A 165 -6.49 18.53 0.15
N GLY A 166 -7.64 17.88 -0.10
CA GLY A 166 -7.80 17.09 -1.30
C GLY A 166 -7.06 15.77 -1.36
N ILE A 167 -6.59 15.28 -0.20
CA ILE A 167 -5.85 14.02 -0.16
C ILE A 167 -6.70 12.85 -0.67
N GLY A 168 -7.89 12.67 -0.10
CA GLY A 168 -8.76 11.60 -0.51
C GLY A 168 -9.06 11.62 -2.00
N PRO A 169 -9.53 12.76 -2.54
CA PRO A 169 -9.83 12.84 -3.97
C PRO A 169 -8.63 12.49 -4.84
N THR A 170 -7.44 12.92 -4.42
CA THR A 170 -6.22 12.64 -5.17
C THR A 170 -5.95 11.14 -5.22
N TYR A 171 -6.14 10.45 -4.09
CA TYR A 171 -5.92 9.00 -4.05
C TYR A 171 -7.02 8.27 -4.82
N SER A 172 -8.21 8.87 -4.93
CA SER A 172 -9.28 8.24 -5.69
C SER A 172 -8.88 8.28 -7.15
N SER A 173 -8.39 9.44 -7.59
CA SER A 173 -7.94 9.62 -8.97
C SER A 173 -6.81 8.65 -9.27
N LYS A 174 -5.93 8.46 -8.29
CA LYS A 174 -4.80 7.56 -8.45
C LYS A 174 -5.33 6.16 -8.72
N ALA A 175 -6.28 5.71 -7.90
CA ALA A 175 -6.87 4.39 -8.05
C ALA A 175 -7.60 4.32 -9.39
N ALA A 176 -8.15 5.44 -9.84
CA ALA A 176 -8.86 5.48 -11.09
C ALA A 176 -7.89 5.52 -12.27
N ARG A 177 -6.63 5.81 -11.97
CA ARG A 177 -5.55 5.91 -12.95
C ARG A 177 -5.79 7.08 -13.89
N THR A 178 -6.58 8.05 -13.42
CA THR A 178 -6.88 9.24 -14.20
C THR A 178 -5.98 10.35 -13.65
N GLY A 179 -5.52 10.16 -12.42
CA GLY A 179 -4.65 11.15 -11.81
C GLY A 179 -3.39 11.33 -12.62
N LEU A 180 -2.69 12.45 -12.39
CA LEU A 180 -1.45 12.75 -13.09
C LEU A 180 -0.31 12.77 -12.07
N ARG A 181 0.89 12.43 -12.53
CA ARG A 181 2.05 12.35 -11.66
C ARG A 181 3.17 13.36 -11.98
N ILE A 182 4.15 13.44 -11.09
CA ILE A 182 5.29 14.34 -11.28
C ILE A 182 5.90 14.14 -12.67
N CYS A 183 6.11 12.88 -13.07
CA CYS A 183 6.70 12.62 -14.37
C CYS A 183 5.83 13.12 -15.51
N ASP A 184 4.51 13.12 -15.32
CA ASP A 184 3.59 13.61 -16.34
C ASP A 184 3.83 15.10 -16.52
N LEU A 185 3.89 15.81 -15.39
CA LEU A 185 4.09 17.25 -15.36
C LEU A 185 5.37 17.65 -16.11
N LEU A 186 6.46 16.93 -15.86
CA LEU A 186 7.74 17.23 -16.50
C LEU A 186 7.87 16.68 -17.91
N SER A 187 6.83 16.00 -18.36
CA SER A 187 6.82 15.41 -19.69
C SER A 187 6.25 16.44 -20.67
N ASP A 188 5.72 15.98 -21.80
CA ASP A 188 5.13 16.90 -22.78
C ASP A 188 4.00 17.67 -22.11
N PHE A 189 4.09 18.99 -22.14
CA PHE A 189 3.07 19.81 -21.50
C PHE A 189 1.75 19.84 -22.24
N ASP A 190 1.80 19.68 -23.55
CA ASP A 190 0.59 19.66 -24.36
C ASP A 190 -0.21 18.42 -23.98
N GLU A 191 0.48 17.28 -23.92
CA GLU A 191 -0.15 16.03 -23.54
C GLU A 191 -0.65 16.18 -22.10
N PHE A 192 0.18 16.76 -21.24
CA PHE A 192 -0.20 16.96 -19.85
C PHE A 192 -1.46 17.82 -19.79
N SER A 193 -1.42 18.98 -20.43
CA SER A 193 -2.55 19.89 -20.45
C SER A 193 -3.82 19.16 -20.85
N ALA A 194 -3.72 18.35 -21.90
CA ALA A 194 -4.87 17.59 -22.40
C ALA A 194 -5.41 16.66 -21.31
N ARG A 195 -4.50 16.01 -20.60
CA ARG A 195 -4.89 15.08 -19.53
C ARG A 195 -5.49 15.85 -18.35
N PHE A 196 -4.86 16.97 -17.99
CA PHE A 196 -5.34 17.79 -16.88
C PHE A 196 -6.78 18.24 -17.16
N LYS A 197 -7.01 18.70 -18.38
CA LYS A 197 -8.33 19.15 -18.80
C LYS A 197 -9.35 18.02 -18.69
N ASN A 198 -9.02 16.85 -19.24
CA ASN A 198 -9.91 15.71 -19.17
C ASN A 198 -10.26 15.41 -17.72
N LEU A 199 -9.24 15.34 -16.88
CA LEU A 199 -9.42 15.06 -15.45
C LEU A 199 -10.25 16.18 -14.80
N ALA A 200 -10.07 17.40 -15.28
CA ALA A 200 -10.80 18.54 -14.76
C ALA A 200 -12.30 18.43 -15.01
N HIS A 201 -12.68 18.09 -16.24
CA HIS A 201 -14.09 17.96 -16.60
C HIS A 201 -14.79 16.83 -15.82
N GLN A 202 -14.08 15.72 -15.62
CA GLN A 202 -14.64 14.58 -14.91
C GLN A 202 -15.12 14.94 -13.51
N HIS A 203 -14.36 15.78 -12.81
CA HIS A 203 -14.75 16.17 -11.47
C HIS A 203 -15.89 17.17 -11.53
N GLN A 204 -16.04 17.84 -12.67
CA GLN A 204 -17.11 18.79 -12.84
C GLN A 204 -18.40 18.07 -13.20
N SER A 205 -18.28 16.79 -13.55
CA SER A 205 -19.44 15.98 -13.92
C SER A 205 -20.16 15.43 -12.67
N MET A 206 -19.38 14.90 -11.74
CA MET A 206 -19.94 14.35 -10.51
C MET A 206 -20.12 15.49 -9.51
N PHE A 207 -19.63 16.66 -9.89
CA PHE A 207 -19.72 17.85 -9.05
C PHE A 207 -19.89 19.09 -9.95
N PRO A 208 -21.11 19.30 -10.48
CA PRO A 208 -21.44 20.43 -11.35
C PRO A 208 -21.19 21.83 -10.81
N THR A 209 -21.27 22.00 -9.49
CA THR A 209 -21.04 23.32 -8.89
C THR A 209 -19.56 23.58 -8.60
N LEU A 210 -18.69 22.72 -9.14
CA LEU A 210 -17.25 22.88 -8.93
C LEU A 210 -16.70 23.84 -9.98
N GLU A 211 -16.04 24.90 -9.52
CA GLU A 211 -15.45 25.89 -10.43
C GLU A 211 -13.99 25.58 -10.69
N ILE A 212 -13.60 25.53 -11.96
CA ILE A 212 -12.22 25.25 -12.30
C ILE A 212 -11.67 26.17 -13.38
N ASP A 213 -10.79 27.09 -12.96
CA ASP A 213 -10.16 28.00 -13.89
C ASP A 213 -9.04 27.17 -14.51
N VAL A 214 -9.41 26.38 -15.51
CA VAL A 214 -8.48 25.50 -16.21
C VAL A 214 -7.25 26.18 -16.78
N GLU A 215 -7.44 27.31 -17.45
CA GLU A 215 -6.34 28.04 -18.05
C GLU A 215 -5.38 28.55 -16.98
N GLY A 216 -5.93 29.16 -15.93
CA GLY A 216 -5.08 29.66 -14.85
C GLY A 216 -4.28 28.59 -14.13
N GLN A 217 -4.93 27.48 -13.79
CA GLN A 217 -4.26 26.40 -13.09
C GLN A 217 -3.14 25.80 -13.93
N LEU A 218 -3.41 25.59 -15.22
CA LEU A 218 -2.40 25.04 -16.13
C LEU A 218 -1.23 26.01 -16.24
N LYS A 219 -1.52 27.30 -16.34
CA LYS A 219 -0.48 28.31 -16.44
C LYS A 219 0.45 28.22 -15.23
N ARG A 220 -0.14 28.18 -14.03
CA ARG A 220 0.64 28.06 -12.80
C ARG A 220 1.43 26.75 -12.79
N LEU A 221 0.78 25.66 -13.19
CA LEU A 221 1.44 24.36 -13.23
C LEU A 221 2.67 24.35 -14.14
N LYS A 222 2.58 25.04 -15.28
CA LYS A 222 3.71 25.09 -16.20
C LYS A 222 4.86 25.82 -15.51
N GLY A 223 4.53 26.82 -14.72
CA GLY A 223 5.55 27.54 -14.00
C GLY A 223 6.17 26.61 -12.97
N PHE A 224 5.34 25.79 -12.34
CA PHE A 224 5.82 24.84 -11.33
C PHE A 224 6.71 23.76 -11.91
N ALA A 225 6.39 23.34 -13.13
CA ALA A 225 7.16 22.30 -13.80
C ALA A 225 8.65 22.61 -13.81
N GLU A 226 9.01 23.86 -14.08
CA GLU A 226 10.42 24.22 -14.13
C GLU A 226 11.07 24.42 -12.77
N ARG A 227 10.31 24.85 -11.78
CA ARG A 227 10.87 25.04 -10.44
C ARG A 227 11.16 23.71 -9.79
N ILE A 228 10.44 22.68 -10.23
CA ILE A 228 10.58 21.34 -9.67
C ILE A 228 11.43 20.37 -10.49
N ARG A 229 11.59 20.65 -11.78
CA ARG A 229 12.35 19.77 -12.66
C ARG A 229 13.70 19.32 -12.10
N PRO A 230 14.54 20.28 -11.65
CA PRO A 230 15.85 19.92 -11.10
C PRO A 230 15.82 19.02 -9.86
N MET A 231 14.70 19.02 -9.14
CA MET A 231 14.59 18.21 -7.93
C MET A 231 14.01 16.82 -8.14
N VAL A 232 13.60 16.49 -9.36
CA VAL A 232 13.01 15.19 -9.64
C VAL A 232 14.01 14.12 -10.07
N ARG A 233 13.76 12.90 -9.61
CA ARG A 233 14.61 11.75 -9.93
C ARG A 233 13.74 10.50 -9.99
N ASP A 234 14.27 9.44 -10.60
CA ASP A 234 13.53 8.19 -10.62
C ASP A 234 13.67 7.71 -9.18
N GLY A 235 12.56 7.70 -8.44
CA GLY A 235 12.57 7.30 -7.04
C GLY A 235 13.04 5.90 -6.71
N VAL A 236 12.57 4.91 -7.47
CA VAL A 236 12.95 3.52 -7.21
C VAL A 236 14.48 3.40 -7.25
N TYR A 237 15.06 3.86 -8.34
CA TYR A 237 16.50 3.80 -8.54
C TYR A 237 17.25 4.59 -7.47
N PHE A 238 16.74 5.76 -7.13
CA PHE A 238 17.38 6.59 -6.11
C PHE A 238 17.58 5.84 -4.80
N MET A 239 16.49 5.26 -4.29
CA MET A 239 16.54 4.52 -3.03
C MET A 239 17.31 3.22 -3.13
N TYR A 240 17.14 2.49 -4.23
CA TYR A 240 17.86 1.23 -4.39
C TYR A 240 19.37 1.46 -4.29
N GLU A 241 19.83 2.51 -4.96
CA GLU A 241 21.25 2.86 -4.98
C GLU A 241 21.77 3.32 -3.63
N ALA A 242 20.93 3.99 -2.85
CA ALA A 242 21.32 4.46 -1.53
C ALA A 242 21.41 3.30 -0.54
N LEU A 243 20.59 2.28 -0.75
CA LEU A 243 20.56 1.12 0.14
C LEU A 243 21.58 0.02 -0.20
N HIS A 244 22.10 0.03 -1.42
CA HIS A 244 23.06 -1.00 -1.81
C HIS A 244 24.46 -0.47 -2.15
N GLY A 245 24.66 0.83 -1.99
CA GLY A 245 25.97 1.40 -2.22
C GLY A 245 26.70 1.36 -0.88
N PRO A 246 27.66 2.25 -0.63
CA PRO A 246 28.30 2.17 0.68
C PRO A 246 27.28 2.50 1.79
N PRO A 247 27.41 1.87 2.97
CA PRO A 247 26.49 2.10 4.08
C PRO A 247 26.02 3.54 4.29
N LYS A 248 24.72 3.69 4.46
CA LYS A 248 24.11 5.00 4.67
C LYS A 248 22.92 4.89 5.61
N LYS A 249 22.73 5.93 6.42
CA LYS A 249 21.61 5.97 7.37
C LYS A 249 20.40 6.65 6.73
N VAL A 250 19.39 5.86 6.41
CA VAL A 250 18.17 6.35 5.80
C VAL A 250 17.05 6.32 6.83
N LEU A 251 16.35 7.44 6.97
CA LEU A 251 15.27 7.57 7.93
C LEU A 251 13.95 7.81 7.22
N VAL A 252 12.91 7.12 7.64
CA VAL A 252 11.60 7.29 7.02
C VAL A 252 10.63 7.91 8.02
N GLU A 253 10.03 9.03 7.62
CA GLU A 253 9.08 9.72 8.48
C GLU A 253 7.66 9.32 8.14
N GLY A 254 7.00 8.62 9.07
CA GLY A 254 5.62 8.24 8.83
C GLY A 254 4.71 9.46 8.96
N ALA A 255 3.55 9.43 8.30
CA ALA A 255 2.59 10.52 8.37
C ALA A 255 1.27 9.95 8.91
N ASN A 256 0.46 10.81 9.52
CA ASN A 256 -0.80 10.37 10.09
C ASN A 256 -0.50 9.29 11.14
N ALA A 257 -1.27 8.21 11.17
CA ALA A 257 -1.03 7.17 12.16
C ALA A 257 -1.82 5.90 11.92
N ALA A 258 -1.42 4.84 12.63
CA ALA A 258 -2.02 3.52 12.57
C ALA A 258 -3.55 3.50 12.60
N LEU A 259 -4.17 4.24 13.52
CA LEU A 259 -5.64 4.23 13.56
C LEU A 259 -6.31 5.16 12.55
N LEU A 260 -5.51 5.74 11.67
CA LEU A 260 -6.02 6.61 10.60
C LEU A 260 -5.75 5.87 9.28
N ASP A 261 -5.10 4.71 9.39
CA ASP A 261 -4.75 3.92 8.21
C ASP A 261 -6.00 3.54 7.41
N ILE A 262 -5.95 3.75 6.10
CA ILE A 262 -7.09 3.45 5.24
C ILE A 262 -7.61 2.01 5.40
N ASP A 263 -6.69 1.06 5.59
CA ASP A 263 -7.06 -0.34 5.78
C ASP A 263 -7.35 -0.69 7.24
N PHE A 264 -6.40 -0.36 8.10
CA PHE A 264 -6.47 -0.71 9.52
C PHE A 264 -7.06 0.28 10.50
N GLY A 265 -7.30 1.52 10.07
CA GLY A 265 -7.84 2.52 10.99
C GLY A 265 -9.33 2.40 11.25
N THR A 266 -9.88 3.43 11.90
CA THR A 266 -11.31 3.45 12.21
C THR A 266 -12.14 3.87 11.00
N TYR A 267 -12.00 3.11 9.92
CA TYR A 267 -12.72 3.38 8.67
C TYR A 267 -14.22 3.62 8.88
N PRO A 268 -14.81 4.60 8.16
CA PRO A 268 -14.22 5.50 7.15
C PRO A 268 -13.58 6.76 7.74
N PHE A 269 -13.50 6.83 9.06
CA PHE A 269 -12.92 8.00 9.71
C PHE A 269 -11.42 7.77 9.85
N VAL A 270 -10.77 7.80 8.69
CA VAL A 270 -9.34 7.56 8.55
C VAL A 270 -8.84 8.41 7.39
N THR A 271 -7.53 8.38 7.17
CA THR A 271 -6.94 9.10 6.04
C THR A 271 -6.90 8.08 4.90
N SER A 272 -6.66 8.52 3.67
CA SER A 272 -6.70 7.59 2.55
C SER A 272 -5.45 6.83 2.13
N SER A 273 -4.44 6.81 2.98
CA SER A 273 -3.21 6.09 2.65
C SER A 273 -2.88 5.12 3.79
N ASN A 274 -1.93 4.22 3.54
CA ASN A 274 -1.52 3.28 4.56
C ASN A 274 -0.46 3.99 5.40
N CYS A 275 -0.82 4.31 6.64
CA CYS A 275 0.09 5.00 7.55
C CYS A 275 0.96 4.00 8.29
N THR A 276 0.65 2.72 8.10
CA THR A 276 1.39 1.64 8.77
C THR A 276 2.69 1.28 8.05
N VAL A 277 3.47 0.39 8.67
CA VAL A 277 4.76 -0.01 8.12
C VAL A 277 4.72 -0.48 6.66
N GLY A 278 3.65 -1.17 6.28
CA GLY A 278 3.54 -1.63 4.91
C GLY A 278 3.63 -0.46 3.96
N GLY A 279 3.12 0.69 4.39
CA GLY A 279 3.14 1.90 3.57
C GLY A 279 4.54 2.37 3.21
N VAL A 280 5.52 1.98 4.02
CA VAL A 280 6.91 2.36 3.75
C VAL A 280 7.37 1.66 2.47
N CYS A 281 7.10 0.35 2.38
CA CYS A 281 7.48 -0.44 1.22
C CYS A 281 6.76 0.03 -0.05
N THR A 282 5.46 0.24 0.05
CA THR A 282 4.69 0.69 -1.12
C THR A 282 4.95 2.15 -1.46
N GLY A 283 5.31 2.94 -0.45
CA GLY A 283 5.53 4.35 -0.71
C GLY A 283 6.91 4.72 -1.19
N LEU A 284 7.86 3.78 -1.05
CA LEU A 284 9.25 4.03 -1.44
C LEU A 284 9.82 3.05 -2.46
N GLY A 285 9.21 1.87 -2.57
CA GLY A 285 9.71 0.88 -3.51
C GLY A 285 10.84 0.04 -2.92
N ILE A 286 10.83 -0.16 -1.61
CA ILE A 286 11.87 -0.98 -0.98
C ILE A 286 11.22 -2.23 -0.40
N PRO A 287 11.97 -3.34 -0.39
CA PRO A 287 11.46 -4.61 0.13
C PRO A 287 11.50 -4.66 1.65
N PRO A 288 10.67 -5.52 2.25
CA PRO A 288 10.63 -5.64 3.71
C PRO A 288 11.96 -5.93 4.41
N GLN A 289 12.90 -6.57 3.71
CA GLN A 289 14.17 -6.86 4.36
C GLN A 289 15.07 -5.63 4.45
N ASN A 290 14.63 -4.51 3.87
CA ASN A 290 15.42 -3.29 3.96
C ASN A 290 14.83 -2.35 5.02
N ILE A 291 13.98 -2.90 5.87
CA ILE A 291 13.39 -2.14 6.96
C ILE A 291 14.04 -2.60 8.27
N GLY A 292 14.66 -1.66 8.96
CA GLY A 292 15.33 -1.98 10.22
C GLY A 292 14.45 -1.66 11.40
N ASP A 293 14.91 -0.71 12.23
CA ASP A 293 14.17 -0.28 13.40
C ASP A 293 12.90 0.46 12.99
N VAL A 294 11.81 0.15 13.68
CA VAL A 294 10.51 0.77 13.44
C VAL A 294 10.05 1.30 14.81
N TYR A 295 10.06 2.62 14.95
CA TYR A 295 9.66 3.21 16.21
C TYR A 295 8.22 3.67 16.22
N GLY A 296 7.50 3.28 17.26
CA GLY A 296 6.11 3.70 17.40
C GLY A 296 6.03 4.90 18.31
N VAL A 297 5.66 6.05 17.76
CA VAL A 297 5.54 7.27 18.57
C VAL A 297 4.20 7.22 19.29
N VAL A 298 4.27 7.27 20.62
CA VAL A 298 3.10 7.20 21.50
C VAL A 298 2.97 8.39 22.42
N LYS A 299 1.93 9.21 22.25
CA LYS A 299 1.76 10.36 23.13
C LYS A 299 1.27 9.85 24.49
N ALA A 300 1.79 10.44 25.57
CA ALA A 300 1.46 10.06 26.93
C ALA A 300 -0.05 9.98 27.17
N TYR A 301 -0.82 10.68 26.35
CA TYR A 301 -2.28 10.65 26.43
C TYR A 301 -2.77 10.56 24.99
N THR A 302 -4.07 10.32 24.80
CA THR A 302 -4.62 10.15 23.45
C THR A 302 -5.40 11.33 22.88
N THR A 303 -5.28 11.52 21.56
CA THR A 303 -5.99 12.58 20.88
C THR A 303 -6.36 12.16 19.47
N ARG A 304 -7.29 12.90 18.89
CA ARG A 304 -7.68 12.70 17.52
C ARG A 304 -8.48 13.94 17.16
N VAL A 305 -8.21 14.46 15.98
CA VAL A 305 -8.91 15.64 15.49
C VAL A 305 -9.64 15.22 14.24
N GLY A 306 -10.96 15.36 14.26
CA GLY A 306 -11.80 14.95 13.16
C GLY A 306 -12.89 14.07 13.73
N ILE A 307 -13.77 13.57 12.88
CA ILE A 307 -14.87 12.73 13.33
C ILE A 307 -14.42 11.29 13.56
N GLY A 308 -15.18 10.55 14.37
CA GLY A 308 -14.83 9.16 14.63
C GLY A 308 -14.81 8.76 16.10
N ALA A 309 -15.01 7.46 16.33
CA ALA A 309 -15.01 6.88 17.66
C ALA A 309 -13.71 7.21 18.40
N PHE A 310 -13.83 7.46 19.71
CA PHE A 310 -12.69 7.81 20.55
C PHE A 310 -13.10 7.33 21.96
N PRO A 311 -12.85 6.04 22.25
CA PRO A 311 -13.19 5.41 23.54
C PRO A 311 -12.78 6.10 24.84
N THR A 312 -11.53 6.54 24.93
CA THR A 312 -11.06 7.17 26.15
C THR A 312 -11.24 8.68 26.18
N GLU A 313 -11.94 9.21 25.17
CA GLU A 313 -12.19 10.65 25.08
C GLU A 313 -12.73 11.22 26.38
N GLN A 314 -12.15 12.33 26.81
CA GLN A 314 -12.59 12.98 28.04
C GLN A 314 -13.14 14.36 27.70
N ILE A 315 -14.46 14.46 27.69
CA ILE A 315 -15.14 15.72 27.40
C ILE A 315 -15.54 16.26 28.76
N ASN A 316 -14.58 16.83 29.45
CA ASN A 316 -14.77 17.36 30.79
C ASN A 316 -13.53 18.17 31.20
N GLU A 317 -13.45 18.43 32.49
CA GLU A 317 -12.36 19.19 33.09
C GLU A 317 -11.00 18.59 32.75
N ILE A 318 -10.90 17.26 32.82
CA ILE A 318 -9.64 16.59 32.50
C ILE A 318 -9.31 16.74 31.01
N GLY A 319 -10.35 16.65 30.18
CA GLY A 319 -10.14 16.80 28.74
C GLY A 319 -9.58 18.16 28.40
N ASP A 320 -10.17 19.20 28.98
CA ASP A 320 -9.73 20.57 28.74
C ASP A 320 -8.30 20.80 29.21
N LEU A 321 -7.94 20.14 30.31
CA LEU A 321 -6.61 20.28 30.88
C LEU A 321 -5.54 19.70 29.97
N LEU A 322 -5.78 18.51 29.44
CA LEU A 322 -4.83 17.87 28.53
C LEU A 322 -4.72 18.72 27.27
N GLN A 323 -5.88 19.09 26.73
CA GLN A 323 -5.94 19.90 25.51
C GLN A 323 -5.16 21.20 25.70
N ASN A 324 -5.45 21.91 26.79
CA ASN A 324 -4.80 23.17 27.08
C ASN A 324 -3.31 23.05 27.35
N ARG A 325 -2.92 22.16 28.26
CA ARG A 325 -1.51 21.97 28.59
C ARG A 325 -0.71 21.37 27.43
N GLY A 326 -1.40 20.62 26.57
CA GLY A 326 -0.73 19.98 25.46
C GLY A 326 -0.75 20.82 24.18
N HIS A 327 -1.36 22.00 24.26
CA HIS A 327 -1.45 22.88 23.10
C HIS A 327 -2.00 22.02 21.96
N GLU A 328 -3.10 21.32 22.25
CA GLU A 328 -3.71 20.43 21.28
C GLU A 328 -4.57 21.11 20.22
N TRP A 329 -3.91 21.60 19.17
CA TRP A 329 -4.58 22.25 18.04
C TRP A 329 -3.90 21.74 16.77
N GLY A 330 -4.69 21.31 15.80
CA GLY A 330 -4.12 20.81 14.55
C GLY A 330 -3.25 21.87 13.89
N VAL A 331 -2.01 21.54 13.57
CA VAL A 331 -1.12 22.52 12.95
C VAL A 331 -1.49 22.79 11.49
N THR A 332 -2.20 21.84 10.88
CA THR A 332 -2.62 21.99 9.48
C THR A 332 -3.90 22.80 9.40
N THR A 333 -4.85 22.50 10.27
CA THR A 333 -6.14 23.20 10.25
C THR A 333 -6.35 24.18 11.40
N GLY A 334 -5.83 23.85 12.57
CA GLY A 334 -6.02 24.73 13.72
C GLY A 334 -7.18 24.28 14.59
N ARG A 335 -7.95 23.31 14.10
CA ARG A 335 -9.09 22.79 14.85
C ARG A 335 -8.65 22.31 16.23
N LYS A 336 -9.54 22.39 17.21
CA LYS A 336 -9.19 21.92 18.54
C LYS A 336 -9.23 20.40 18.50
N ARG A 337 -8.20 19.78 19.05
CA ARG A 337 -8.15 18.31 19.08
C ARG A 337 -8.93 17.76 20.27
N ARG A 338 -9.54 16.60 20.07
CA ARG A 338 -10.30 15.94 21.13
C ARG A 338 -9.23 15.21 21.94
N CYS A 339 -9.37 15.19 23.26
CA CYS A 339 -8.37 14.57 24.13
C CYS A 339 -8.95 13.50 25.05
N GLY A 340 -8.08 12.60 25.51
CA GLY A 340 -8.50 11.54 26.42
C GLY A 340 -7.30 10.77 26.97
N TRP A 341 -7.55 9.79 27.83
CA TRP A 341 -6.50 8.99 28.45
C TRP A 341 -5.76 8.11 27.46
N LEU A 342 -4.59 7.62 27.88
CA LEU A 342 -3.82 6.71 27.04
C LEU A 342 -4.76 5.52 26.85
N ASP A 343 -4.70 4.89 25.68
CA ASP A 343 -5.55 3.75 25.37
C ASP A 343 -4.66 2.62 24.85
N LEU A 344 -4.48 1.57 25.64
CA LEU A 344 -3.63 0.47 25.24
C LEU A 344 -4.25 -0.39 24.13
N MET A 345 -5.57 -0.48 24.10
CA MET A 345 -6.24 -1.26 23.09
C MET A 345 -5.75 -0.84 21.70
N ILE A 346 -5.75 0.46 21.43
CA ILE A 346 -5.29 0.92 20.12
C ILE A 346 -3.77 0.76 19.96
N LEU A 347 -3.02 0.85 21.04
CA LEU A 347 -1.57 0.72 20.96
C LEU A 347 -1.13 -0.72 20.66
N ARG A 348 -1.82 -1.69 21.24
CA ARG A 348 -1.50 -3.09 21.01
C ARG A 348 -1.92 -3.50 19.61
N TYR A 349 -2.97 -2.85 19.11
CA TYR A 349 -3.48 -3.13 17.76
C TYR A 349 -2.45 -2.56 16.78
N ALA A 350 -2.02 -1.32 17.04
CA ALA A 350 -1.04 -0.66 16.20
C ALA A 350 0.23 -1.51 16.15
N HIS A 351 0.64 -2.04 17.29
CA HIS A 351 1.83 -2.87 17.38
C HIS A 351 1.67 -4.19 16.61
N MET A 352 0.46 -4.74 16.61
CA MET A 352 0.18 -5.99 15.91
C MET A 352 0.39 -5.83 14.40
N VAL A 353 0.10 -4.64 13.89
CA VAL A 353 0.25 -4.35 12.48
C VAL A 353 1.63 -3.79 12.12
N ASN A 354 2.20 -2.98 13.01
CA ASN A 354 3.49 -2.37 12.75
C ASN A 354 4.74 -3.10 13.24
N GLY A 355 4.59 -3.94 14.25
CA GLY A 355 5.74 -4.66 14.78
C GLY A 355 6.82 -3.70 15.25
N PHE A 356 6.46 -2.77 16.13
CA PHE A 356 7.41 -1.80 16.67
C PHE A 356 8.63 -2.43 17.31
N THR A 357 9.81 -1.89 17.01
CA THR A 357 11.05 -2.40 17.60
C THR A 357 11.30 -1.67 18.93
N ALA A 358 10.82 -0.42 19.00
CA ALA A 358 10.97 0.40 20.20
C ALA A 358 9.92 1.51 20.20
N LEU A 359 9.68 2.10 21.36
CA LEU A 359 8.70 3.17 21.47
C LEU A 359 9.28 4.52 21.88
N ALA A 360 8.54 5.57 21.56
CA ALA A 360 8.90 6.93 21.92
C ALA A 360 7.68 7.52 22.65
N LEU A 361 7.77 7.64 23.98
CA LEU A 361 6.66 8.18 24.75
C LEU A 361 6.82 9.69 24.90
N THR A 362 5.98 10.44 24.21
CA THR A 362 6.07 11.91 24.22
C THR A 362 5.05 12.62 25.10
N LYS A 363 5.31 13.90 25.32
CA LYS A 363 4.46 14.79 26.11
C LYS A 363 4.10 14.34 27.52
N LEU A 364 5.01 13.60 28.14
CA LEU A 364 4.82 13.11 29.51
C LEU A 364 4.60 14.28 30.50
N ASP A 365 5.23 15.42 30.23
CA ASP A 365 5.12 16.58 31.10
C ASP A 365 3.71 17.17 31.22
N ILE A 366 2.87 16.88 30.23
CA ILE A 366 1.50 17.39 30.25
C ILE A 366 0.75 16.86 31.46
N LEU A 367 1.16 15.68 31.91
CA LEU A 367 0.55 15.02 33.06
C LEU A 367 1.19 15.40 34.40
N ASP A 368 2.14 16.33 34.40
CA ASP A 368 2.82 16.74 35.64
C ASP A 368 1.91 17.19 36.78
N VAL A 369 0.71 17.67 36.45
CA VAL A 369 -0.19 18.17 37.48
C VAL A 369 -1.35 17.25 37.89
N LEU A 370 -1.44 16.08 37.28
CA LEU A 370 -2.52 15.16 37.62
C LEU A 370 -2.22 14.29 38.84
N SER A 371 -3.15 14.27 39.79
CA SER A 371 -3.00 13.48 41.00
C SER A 371 -3.11 12.01 40.65
N GLU A 372 -3.95 11.70 39.67
CA GLU A 372 -4.10 10.33 39.22
C GLU A 372 -4.18 10.33 37.70
N ILE A 373 -3.72 9.25 37.10
CA ILE A 373 -3.72 9.13 35.65
C ILE A 373 -4.31 7.79 35.25
N LYS A 374 -5.39 7.81 34.48
CA LYS A 374 -6.03 6.59 34.02
C LYS A 374 -5.54 6.19 32.63
N VAL A 375 -5.54 4.90 32.37
CA VAL A 375 -5.12 4.38 31.08
C VAL A 375 -6.02 3.21 30.73
N GLY A 376 -6.57 3.24 29.52
CA GLY A 376 -7.47 2.18 29.09
C GLY A 376 -6.70 0.90 28.84
N ILE A 377 -7.17 -0.21 29.44
CA ILE A 377 -6.51 -1.50 29.29
C ILE A 377 -7.34 -2.51 28.49
N SER A 378 -8.63 -2.23 28.32
CA SER A 378 -9.50 -3.13 27.55
C SER A 378 -10.85 -2.45 27.27
N TYR A 379 -11.59 -2.97 26.29
CA TYR A 379 -12.91 -2.44 25.94
C TYR A 379 -13.99 -3.46 26.31
N LYS A 380 -15.04 -2.99 27.00
CA LYS A 380 -16.15 -3.85 27.38
C LYS A 380 -17.34 -3.52 26.50
N LEU A 381 -18.04 -4.56 26.05
CA LEU A 381 -19.24 -4.37 25.24
C LEU A 381 -20.33 -5.09 26.04
N ASN A 382 -21.37 -4.36 26.40
CA ASN A 382 -22.45 -4.97 27.20
C ASN A 382 -21.90 -5.71 28.41
N GLY A 383 -20.89 -5.14 29.06
CA GLY A 383 -20.31 -5.77 30.24
C GLY A 383 -19.21 -6.80 30.03
N LYS A 384 -18.97 -7.22 28.79
CA LYS A 384 -17.93 -8.21 28.52
C LYS A 384 -16.81 -7.74 27.60
N ARG A 385 -15.58 -8.06 28.00
CA ARG A 385 -14.39 -7.68 27.23
C ARG A 385 -14.40 -8.29 25.84
N ILE A 386 -14.07 -7.49 24.84
CA ILE A 386 -13.98 -8.00 23.48
C ILE A 386 -12.52 -8.47 23.36
N PRO A 387 -12.27 -9.49 22.52
CA PRO A 387 -10.91 -10.02 22.35
C PRO A 387 -9.93 -9.21 21.51
N TYR A 388 -10.43 -8.38 20.60
CA TYR A 388 -9.54 -7.59 19.75
C TYR A 388 -10.20 -6.31 19.24
N PHE A 389 -9.40 -5.41 18.67
CA PHE A 389 -9.92 -4.15 18.14
C PHE A 389 -10.91 -4.50 17.03
N PRO A 390 -12.14 -3.96 17.10
CA PRO A 390 -13.18 -4.22 16.11
C PRO A 390 -13.06 -3.50 14.77
N ALA A 391 -13.43 -4.22 13.70
CA ALA A 391 -13.40 -3.68 12.35
C ALA A 391 -14.55 -2.69 12.13
N ASN A 392 -15.70 -2.98 12.72
CA ASN A 392 -16.86 -2.08 12.59
C ASN A 392 -16.70 -0.97 13.63
N GLN A 393 -16.32 0.21 13.17
CA GLN A 393 -16.10 1.34 14.06
C GLN A 393 -17.32 1.71 14.90
N GLU A 394 -18.51 1.31 14.46
CA GLU A 394 -19.73 1.60 15.20
C GLU A 394 -19.74 0.87 16.54
N ILE A 395 -19.30 -0.39 16.55
CA ILE A 395 -19.23 -1.16 17.79
C ILE A 395 -18.32 -0.39 18.76
N LEU A 396 -17.29 0.22 18.20
CA LEU A 396 -16.32 0.99 18.98
C LEU A 396 -16.97 2.17 19.69
N GLN A 397 -18.16 2.57 19.21
CA GLN A 397 -18.91 3.68 19.80
C GLN A 397 -19.70 3.27 21.03
N LYS A 398 -19.96 1.98 21.16
CA LYS A 398 -20.74 1.46 22.29
C LYS A 398 -19.89 0.85 23.40
N VAL A 399 -18.61 0.65 23.14
CA VAL A 399 -17.75 0.03 24.15
C VAL A 399 -17.59 0.90 25.39
N GLU A 400 -17.28 0.25 26.49
CA GLU A 400 -17.06 0.91 27.77
C GLU A 400 -15.61 0.56 28.14
N VAL A 401 -14.79 1.59 28.32
CA VAL A 401 -13.37 1.35 28.62
C VAL A 401 -13.04 0.95 30.06
N GLU A 402 -12.24 -0.10 30.21
CA GLU A 402 -11.80 -0.54 31.54
C GLU A 402 -10.48 0.18 31.79
N TYR A 403 -10.44 0.95 32.87
CA TYR A 403 -9.25 1.73 33.22
C TYR A 403 -8.51 1.23 34.45
N GLU A 404 -7.21 1.47 34.45
CA GLU A 404 -6.38 1.16 35.60
C GLU A 404 -5.92 2.57 36.00
N THR A 405 -6.05 2.90 37.29
CA THR A 405 -5.68 4.23 37.77
C THR A 405 -4.32 4.24 38.46
N LEU A 406 -3.36 4.90 37.83
CA LEU A 406 -2.01 4.99 38.36
C LEU A 406 -1.79 6.30 39.10
N PRO A 407 -0.83 6.32 40.05
CA PRO A 407 -0.56 7.55 40.81
C PRO A 407 0.18 8.59 39.98
N GLY A 408 -0.17 9.86 40.15
CA GLY A 408 0.51 10.90 39.42
C GLY A 408 1.73 11.29 40.23
N TRP A 409 2.63 12.09 39.64
CA TRP A 409 3.84 12.52 40.35
C TRP A 409 3.77 13.97 40.85
N LYS A 410 2.80 14.73 40.32
CA LYS A 410 2.63 16.12 40.71
C LYS A 410 3.95 16.84 40.94
N ALA A 411 4.73 16.94 39.86
CA ALA A 411 6.02 17.59 39.88
C ALA A 411 6.33 17.98 38.44
N ASP A 412 7.13 19.03 38.28
CA ASP A 412 7.51 19.53 36.95
C ASP A 412 8.69 18.71 36.40
N THR A 413 8.50 18.09 35.24
CA THR A 413 9.55 17.26 34.64
C THR A 413 10.15 17.87 33.36
N THR A 414 9.73 19.08 33.03
CA THR A 414 10.24 19.73 31.83
C THR A 414 11.76 19.92 31.82
N GLY A 415 12.39 19.93 32.99
CA GLY A 415 13.83 20.11 33.05
C GLY A 415 14.61 18.81 33.05
N ALA A 416 13.90 17.69 33.15
CA ALA A 416 14.53 16.37 33.17
C ALA A 416 15.32 16.16 31.88
N ARG A 417 16.53 15.63 32.02
CA ARG A 417 17.37 15.36 30.84
C ARG A 417 17.91 13.93 30.85
N LYS A 418 17.72 13.24 31.95
CA LYS A 418 18.15 11.85 32.10
C LYS A 418 17.05 11.11 32.87
N TRP A 419 17.04 9.79 32.76
CA TRP A 419 16.05 8.96 33.44
C TRP A 419 15.91 9.24 34.94
N GLU A 420 17.04 9.35 35.63
CA GLU A 420 17.05 9.60 37.06
C GLU A 420 16.42 10.94 37.47
N ASP A 421 16.30 11.88 36.54
CA ASP A 421 15.70 13.17 36.87
C ASP A 421 14.19 13.03 37.01
N LEU A 422 13.64 11.93 36.51
CA LEU A 422 12.20 11.70 36.59
C LEU A 422 11.81 11.16 37.95
N PRO A 423 10.77 11.75 38.57
CA PRO A 423 10.33 11.28 39.88
C PRO A 423 9.83 9.83 39.77
N PRO A 424 9.83 9.10 40.89
CA PRO A 424 9.39 7.69 40.93
C PRO A 424 8.09 7.33 40.21
N GLN A 425 7.03 8.11 40.41
CA GLN A 425 5.76 7.80 39.77
C GLN A 425 5.79 8.05 38.26
N ALA A 426 6.58 9.02 37.82
CA ALA A 426 6.70 9.28 36.40
C ALA A 426 7.40 8.08 35.77
N GLN A 427 8.41 7.56 36.48
CA GLN A 427 9.17 6.41 36.01
C GLN A 427 8.26 5.19 35.93
N SER A 428 7.35 5.04 36.89
CA SER A 428 6.42 3.92 36.89
C SER A 428 5.48 4.01 35.69
N TYR A 429 5.06 5.23 35.38
CA TYR A 429 4.16 5.42 34.25
C TYR A 429 4.88 4.91 32.99
N VAL A 430 6.14 5.30 32.82
CA VAL A 430 6.91 4.88 31.65
C VAL A 430 7.02 3.35 31.58
N ARG A 431 7.36 2.74 32.72
CA ARG A 431 7.48 1.29 32.79
C ARG A 431 6.13 0.62 32.55
N PHE A 432 5.05 1.26 33.03
CA PHE A 432 3.72 0.69 32.86
C PHE A 432 3.44 0.45 31.37
N VAL A 433 3.71 1.46 30.55
CA VAL A 433 3.50 1.35 29.12
C VAL A 433 4.40 0.29 28.50
N GLU A 434 5.66 0.35 28.90
CA GLU A 434 6.68 -0.57 28.42
C GLU A 434 6.31 -2.02 28.70
N ASN A 435 5.81 -2.28 29.91
CA ASN A 435 5.42 -3.62 30.31
C ASN A 435 4.14 -4.14 29.63
N HIS A 436 3.16 -3.26 29.45
CA HIS A 436 1.91 -3.67 28.82
C HIS A 436 2.03 -3.78 27.30
N MET A 437 3.05 -3.14 26.75
CA MET A 437 3.26 -3.19 25.31
C MET A 437 4.19 -4.35 24.92
N GLY A 438 5.09 -4.70 25.82
CA GLY A 438 6.04 -5.75 25.52
C GLY A 438 7.08 -5.16 24.59
N VAL A 439 7.11 -3.83 24.51
CA VAL A 439 8.06 -3.11 23.68
C VAL A 439 8.77 -2.04 24.50
N ALA A 440 10.08 -1.98 24.39
CA ALA A 440 10.88 -1.01 25.15
C ALA A 440 10.69 0.45 24.75
N VAL A 441 10.68 1.33 25.74
CA VAL A 441 10.56 2.76 25.49
C VAL A 441 12.00 3.27 25.40
N LYS A 442 12.35 3.82 24.24
CA LYS A 442 13.70 4.31 23.99
C LYS A 442 13.85 5.80 24.27
N TRP A 443 12.75 6.53 24.12
CA TRP A 443 12.76 7.98 24.36
C TRP A 443 11.54 8.40 25.16
N VAL A 444 11.72 9.43 25.98
CA VAL A 444 10.64 9.98 26.80
C VAL A 444 10.70 11.49 26.61
N GLY A 445 9.60 12.06 26.11
CA GLY A 445 9.56 13.49 25.92
C GLY A 445 8.97 14.26 27.09
N VAL A 446 9.68 15.28 27.54
CA VAL A 446 9.23 16.11 28.65
C VAL A 446 9.19 17.59 28.24
N GLY A 447 9.31 17.84 26.94
CA GLY A 447 9.29 19.21 26.45
C GLY A 447 9.05 19.32 24.96
N LYS A 448 9.31 20.49 24.40
CA LYS A 448 9.10 20.74 22.98
C LYS A 448 10.42 20.88 22.23
N SER A 449 11.50 21.12 22.96
CA SER A 449 12.84 21.28 22.36
C SER A 449 13.53 19.94 22.13
N ARG A 450 14.49 19.94 21.20
CA ARG A 450 15.25 18.76 20.85
C ARG A 450 15.97 18.15 22.06
N GLU A 451 16.28 19.00 23.05
CA GLU A 451 16.96 18.58 24.27
C GLU A 451 16.00 17.91 25.25
N SER A 452 14.72 18.24 25.14
CA SER A 452 13.69 17.68 26.01
C SER A 452 13.60 16.16 25.97
N MET A 453 13.93 15.56 24.82
CA MET A 453 13.88 14.11 24.71
C MET A 453 14.87 13.47 25.67
N ILE A 454 14.50 12.31 26.20
CA ILE A 454 15.36 11.59 27.11
C ILE A 454 15.60 10.18 26.54
N GLN A 455 16.84 9.95 26.10
CA GLN A 455 17.28 8.68 25.53
C GLN A 455 17.42 7.67 26.68
N LEU A 456 16.80 6.50 26.55
CA LEU A 456 16.86 5.50 27.61
C LEU A 456 17.81 4.34 27.34
N PHE A 457 18.21 4.16 26.10
CA PHE A 457 19.15 3.09 25.76
C PHE A 457 19.63 3.26 24.33
N ALA B 27 12.45 -15.05 17.19
CA ALA B 27 11.39 -16.05 17.52
C ALA B 27 10.13 -15.34 18.01
N ALA B 28 10.29 -14.46 19.00
CA ALA B 28 9.16 -13.71 19.55
C ALA B 28 8.40 -13.07 18.40
N THR B 29 9.11 -12.80 17.31
CA THR B 29 8.54 -12.19 16.13
C THR B 29 7.47 -13.06 15.47
N GLY B 30 7.60 -14.38 15.62
CA GLY B 30 6.62 -15.28 15.03
C GLY B 30 7.12 -15.97 13.78
N SER B 31 6.29 -16.84 13.20
CA SER B 31 6.68 -17.53 11.99
C SER B 31 6.62 -16.55 10.83
N ARG B 32 7.24 -16.91 9.71
CA ARG B 32 7.27 -16.03 8.56
C ARG B 32 6.52 -16.61 7.38
N VAL B 33 5.95 -15.72 6.55
CA VAL B 33 5.18 -16.15 5.40
C VAL B 33 5.99 -16.17 4.11
N THR B 34 5.61 -17.08 3.23
CA THR B 34 6.26 -17.24 1.95
C THR B 34 5.36 -16.55 0.94
N VAL B 35 5.96 -15.78 0.04
CA VAL B 35 5.21 -15.02 -0.95
C VAL B 35 5.62 -15.35 -2.37
N VAL B 36 4.63 -15.42 -3.27
CA VAL B 36 4.85 -15.68 -4.69
C VAL B 36 4.33 -14.46 -5.47
N LEU B 37 5.22 -13.79 -6.21
CA LEU B 37 4.82 -12.61 -6.96
C LEU B 37 5.14 -12.66 -8.44
N GLY B 38 4.35 -11.95 -9.25
CA GLY B 38 4.59 -11.88 -10.68
C GLY B 38 5.68 -10.85 -10.88
N ALA B 39 6.69 -11.17 -11.68
CA ALA B 39 7.79 -10.24 -11.88
C ALA B 39 7.72 -9.43 -13.15
N GLN B 40 6.76 -9.73 -14.02
CA GLN B 40 6.66 -9.00 -15.28
C GLN B 40 5.29 -8.32 -15.44
N TRP B 41 4.56 -8.65 -16.52
CA TRP B 41 3.24 -8.06 -16.75
C TRP B 41 2.09 -9.05 -16.55
N GLY B 42 2.30 -10.03 -15.69
CA GLY B 42 1.25 -11.01 -15.44
C GLY B 42 1.32 -12.22 -16.35
N ASP B 43 0.48 -13.21 -16.06
CA ASP B 43 0.41 -14.43 -16.84
C ASP B 43 1.79 -15.08 -16.94
N GLU B 44 2.55 -15.06 -15.86
CA GLU B 44 3.88 -15.66 -15.86
C GLU B 44 3.83 -17.15 -15.56
N GLY B 45 2.73 -17.59 -14.93
CA GLY B 45 2.57 -18.98 -14.57
C GLY B 45 2.59 -19.13 -13.06
N LYS B 46 1.94 -18.20 -12.37
CA LYS B 46 1.93 -18.19 -10.91
C LYS B 46 1.05 -19.26 -10.28
N GLY B 47 -0.05 -19.62 -10.92
CA GLY B 47 -0.91 -20.65 -10.38
C GLY B 47 -0.14 -21.93 -10.10
N LYS B 48 0.73 -22.30 -11.04
CA LYS B 48 1.53 -23.50 -10.91
C LYS B 48 2.49 -23.45 -9.72
N VAL B 49 3.20 -22.34 -9.56
CA VAL B 49 4.14 -22.22 -8.45
C VAL B 49 3.41 -22.20 -7.13
N VAL B 50 2.30 -21.48 -7.07
CA VAL B 50 1.53 -21.41 -5.83
C VAL B 50 1.03 -22.80 -5.44
N ASP B 51 0.39 -23.50 -6.38
CA ASP B 51 -0.12 -24.85 -6.12
C ASP B 51 1.00 -25.75 -5.61
N LEU B 52 2.16 -25.69 -6.25
CA LEU B 52 3.28 -26.53 -5.83
C LEU B 52 3.66 -26.25 -4.38
N LEU B 53 3.79 -24.98 -4.03
CA LEU B 53 4.15 -24.61 -2.66
C LEU B 53 3.03 -24.83 -1.63
N ALA B 54 1.79 -24.91 -2.10
CA ALA B 54 0.65 -25.10 -1.19
C ALA B 54 0.48 -26.51 -0.64
N THR B 55 0.99 -27.50 -1.36
CA THR B 55 0.87 -28.91 -0.96
C THR B 55 1.01 -29.18 0.53
N ASP B 56 1.85 -28.41 1.22
CA ASP B 56 2.02 -28.60 2.66
C ASP B 56 1.88 -27.27 3.42
N ALA B 57 1.06 -26.38 2.87
CA ALA B 57 0.84 -25.09 3.51
C ALA B 57 -0.38 -25.19 4.43
N ASP B 58 -0.30 -24.54 5.57
CA ASP B 58 -1.41 -24.53 6.52
C ASP B 58 -2.41 -23.46 6.11
N ILE B 59 -1.89 -22.38 5.53
CA ILE B 59 -2.71 -21.27 5.07
C ILE B 59 -2.20 -20.73 3.74
N VAL B 60 -3.12 -20.51 2.82
CA VAL B 60 -2.79 -19.97 1.50
C VAL B 60 -3.69 -18.75 1.38
N SER B 61 -3.12 -17.59 1.07
CA SER B 61 -3.95 -16.40 0.99
C SER B 61 -3.66 -15.38 -0.09
N ARG B 62 -4.68 -14.58 -0.38
CA ARG B 62 -4.63 -13.50 -1.35
C ARG B 62 -4.58 -12.26 -0.47
N CYS B 63 -3.71 -11.32 -0.80
CA CYS B 63 -3.57 -10.13 0.03
C CYS B 63 -4.02 -8.84 -0.63
N GLN B 64 -4.08 -8.85 -1.96
CA GLN B 64 -4.47 -7.66 -2.70
C GLN B 64 -5.21 -7.99 -3.99
N GLY B 65 -5.76 -6.95 -4.61
CA GLY B 65 -6.46 -7.12 -5.88
C GLY B 65 -7.88 -7.65 -5.82
N GLY B 66 -8.45 -7.85 -7.00
CA GLY B 66 -9.80 -8.37 -7.13
C GLY B 66 -9.81 -9.72 -7.80
N ASN B 67 -10.94 -10.07 -8.39
CA ASN B 67 -11.08 -11.37 -9.04
C ASN B 67 -10.67 -11.41 -10.50
N ASN B 68 -9.42 -11.07 -10.79
CA ASN B 68 -8.91 -11.14 -12.16
C ASN B 68 -7.51 -11.74 -12.14
N ALA B 69 -7.24 -12.54 -11.11
CA ALA B 69 -5.95 -13.20 -10.97
C ALA B 69 -5.72 -14.13 -12.16
N GLY B 70 -6.70 -14.99 -12.42
CA GLY B 70 -6.62 -15.92 -13.53
C GLY B 70 -5.49 -16.93 -13.42
N HIS B 71 -5.18 -17.37 -12.21
CA HIS B 71 -4.11 -18.34 -12.00
C HIS B 71 -4.55 -19.74 -12.42
N THR B 72 -3.67 -20.45 -13.11
CA THR B 72 -3.99 -21.80 -13.60
C THR B 72 -3.27 -22.93 -12.88
N VAL B 73 -4.05 -23.92 -12.46
CA VAL B 73 -3.52 -25.07 -11.75
C VAL B 73 -3.91 -26.36 -12.47
N VAL B 74 -2.91 -27.21 -12.71
CA VAL B 74 -3.13 -28.48 -13.38
C VAL B 74 -2.62 -29.64 -12.54
N VAL B 75 -3.56 -30.42 -12.00
CA VAL B 75 -3.21 -31.56 -11.18
C VAL B 75 -4.16 -32.73 -11.49
N ASP B 76 -3.60 -33.93 -11.58
CA ASP B 76 -4.38 -35.13 -11.86
C ASP B 76 -5.30 -34.98 -13.08
N GLY B 77 -4.74 -34.49 -14.18
CA GLY B 77 -5.53 -34.32 -15.39
C GLY B 77 -6.41 -33.08 -15.43
N LYS B 78 -6.91 -32.66 -14.27
CA LYS B 78 -7.77 -31.49 -14.18
C LYS B 78 -7.03 -30.16 -14.26
N GLU B 79 -7.71 -29.16 -14.81
CA GLU B 79 -7.14 -27.83 -14.93
C GLU B 79 -8.08 -26.82 -14.28
N TYR B 80 -7.62 -26.22 -13.18
CA TYR B 80 -8.41 -25.24 -12.44
C TYR B 80 -8.00 -23.81 -12.72
N ASP B 81 -8.96 -22.91 -12.66
CA ASP B 81 -8.71 -21.49 -12.87
C ASP B 81 -9.26 -20.74 -11.66
N PHE B 82 -8.42 -19.91 -11.05
CA PHE B 82 -8.82 -19.14 -9.89
C PHE B 82 -8.66 -17.67 -10.15
N HIS B 83 -9.64 -16.90 -9.71
CA HIS B 83 -9.61 -15.46 -9.94
C HIS B 83 -9.58 -14.70 -8.63
N LEU B 84 -10.50 -15.03 -7.72
CA LEU B 84 -10.56 -14.38 -6.41
C LEU B 84 -10.16 -15.38 -5.33
N LEU B 85 -10.47 -16.65 -5.55
CA LEU B 85 -10.14 -17.69 -4.59
C LEU B 85 -8.66 -18.01 -4.61
N PRO B 86 -8.08 -18.33 -3.44
CA PRO B 86 -6.66 -18.66 -3.39
C PRO B 86 -6.51 -20.00 -4.11
N SER B 87 -5.49 -20.12 -4.95
CA SER B 87 -5.26 -21.35 -5.70
C SER B 87 -5.03 -22.55 -4.79
N GLY B 88 -4.79 -22.28 -3.51
CA GLY B 88 -4.59 -23.34 -2.54
C GLY B 88 -5.93 -23.84 -2.02
N ILE B 89 -7.02 -23.35 -2.59
CA ILE B 89 -8.34 -23.79 -2.16
C ILE B 89 -8.46 -25.27 -2.50
N ILE B 90 -7.67 -25.70 -3.47
CA ILE B 90 -7.66 -27.08 -3.94
C ILE B 90 -7.14 -28.05 -2.88
N ASN B 91 -6.33 -27.55 -1.95
CA ASN B 91 -5.78 -28.38 -0.88
C ASN B 91 -6.82 -28.43 0.25
N THR B 92 -7.45 -29.60 0.44
CA THR B 92 -8.46 -29.78 1.48
C THR B 92 -7.88 -29.75 2.90
N LYS B 93 -6.56 -29.78 3.00
CA LYS B 93 -5.89 -29.75 4.30
C LYS B 93 -5.54 -28.33 4.74
N ALA B 94 -5.68 -27.36 3.84
CA ALA B 94 -5.33 -25.98 4.17
C ALA B 94 -6.51 -25.02 4.19
N VAL B 95 -6.36 -23.94 4.94
CA VAL B 95 -7.39 -22.90 5.02
C VAL B 95 -7.03 -21.81 3.99
N SER B 96 -7.97 -21.47 3.12
CA SER B 96 -7.72 -20.42 2.14
C SER B 96 -8.18 -19.10 2.77
N PHE B 97 -7.32 -18.09 2.69
CA PHE B 97 -7.61 -16.80 3.31
C PHE B 97 -7.61 -15.60 2.35
N ILE B 98 -8.62 -14.76 2.50
CA ILE B 98 -8.76 -13.53 1.71
C ILE B 98 -8.53 -12.33 2.64
N GLY B 99 -7.39 -11.66 2.48
CA GLY B 99 -7.03 -10.55 3.34
C GLY B 99 -7.82 -9.26 3.19
N ASN B 100 -7.47 -8.26 4.00
CA ASN B 100 -8.16 -6.96 3.99
C ASN B 100 -7.87 -6.08 2.77
N GLY B 101 -6.73 -6.29 2.11
CA GLY B 101 -6.40 -5.50 0.94
C GLY B 101 -7.19 -5.88 -0.30
N VAL B 102 -7.92 -6.99 -0.22
CA VAL B 102 -8.70 -7.49 -1.35
C VAL B 102 -10.07 -6.80 -1.54
N VAL B 103 -10.50 -6.71 -2.80
CA VAL B 103 -11.81 -6.15 -3.13
C VAL B 103 -12.60 -7.34 -3.67
N ILE B 104 -13.74 -7.60 -3.03
CA ILE B 104 -14.56 -8.76 -3.35
C ILE B 104 -15.89 -8.53 -4.05
N HIS B 105 -16.08 -9.20 -5.18
CA HIS B 105 -17.36 -9.13 -5.89
C HIS B 105 -18.02 -10.47 -5.55
N LEU B 106 -19.00 -10.42 -4.66
CA LEU B 106 -19.70 -11.62 -4.21
C LEU B 106 -20.28 -12.48 -5.33
N PRO B 107 -20.98 -11.86 -6.31
CA PRO B 107 -21.51 -12.71 -7.38
C PRO B 107 -20.38 -13.49 -8.05
N GLY B 108 -19.31 -12.78 -8.41
CA GLY B 108 -18.18 -13.42 -9.05
C GLY B 108 -17.57 -14.51 -8.20
N LEU B 109 -17.48 -14.27 -6.90
CA LEU B 109 -16.89 -15.23 -5.98
C LEU B 109 -17.58 -16.60 -6.07
N PHE B 110 -18.88 -16.65 -5.78
CA PHE B 110 -19.59 -17.91 -5.83
C PHE B 110 -19.72 -18.50 -7.25
N GLU B 111 -19.67 -17.66 -8.26
CA GLU B 111 -19.76 -18.14 -9.63
C GLU B 111 -18.44 -18.84 -9.96
N GLU B 112 -17.36 -18.33 -9.38
CA GLU B 112 -16.04 -18.91 -9.60
C GLU B 112 -15.96 -20.24 -8.87
N ALA B 113 -16.52 -20.29 -7.66
CA ALA B 113 -16.50 -21.49 -6.83
C ALA B 113 -17.32 -22.63 -7.45
N GLU B 114 -18.45 -22.29 -8.03
CA GLU B 114 -19.34 -23.28 -8.65
C GLU B 114 -18.75 -23.92 -9.91
N LYS B 115 -18.09 -23.12 -10.76
CA LYS B 115 -17.50 -23.67 -11.96
C LYS B 115 -16.48 -24.74 -11.58
N ASN B 116 -15.67 -24.45 -10.57
CA ASN B 116 -14.67 -25.39 -10.11
C ASN B 116 -15.32 -26.53 -9.34
N GLU B 117 -16.42 -26.22 -8.64
CA GLU B 117 -17.13 -27.24 -7.89
C GLU B 117 -17.53 -28.38 -8.83
N LYS B 118 -18.07 -28.02 -10.00
CA LYS B 118 -18.48 -29.01 -10.97
C LYS B 118 -17.28 -29.73 -11.56
N LYS B 119 -16.09 -29.29 -11.15
CA LYS B 119 -14.86 -29.90 -11.62
C LYS B 119 -14.30 -30.82 -10.55
N GLY B 120 -15.00 -30.92 -9.43
CA GLY B 120 -14.54 -31.80 -8.36
C GLY B 120 -14.25 -31.14 -7.03
N LEU B 121 -14.13 -29.82 -7.01
CA LEU B 121 -13.86 -29.10 -5.77
C LEU B 121 -15.04 -29.28 -4.82
N LYS B 122 -14.77 -29.63 -3.56
CA LYS B 122 -15.82 -29.83 -2.59
C LYS B 122 -15.53 -29.25 -1.21
N ASP B 123 -16.60 -28.87 -0.51
CA ASP B 123 -16.50 -28.29 0.82
C ASP B 123 -15.55 -27.09 0.89
N TRP B 124 -15.40 -26.39 -0.23
CA TRP B 124 -14.51 -25.22 -0.25
C TRP B 124 -14.94 -24.18 0.77
N GLU B 125 -16.25 -23.98 0.91
CA GLU B 125 -16.79 -23.01 1.85
C GLU B 125 -16.39 -23.30 3.29
N LYS B 126 -16.01 -24.54 3.56
CA LYS B 126 -15.60 -24.94 4.91
C LYS B 126 -14.14 -24.61 5.23
N ARG B 127 -13.36 -24.25 4.21
CA ARG B 127 -11.97 -23.91 4.44
C ARG B 127 -11.58 -22.58 3.82
N LEU B 128 -12.57 -21.68 3.74
CA LEU B 128 -12.34 -20.33 3.21
C LEU B 128 -12.65 -19.32 4.29
N ILE B 129 -11.66 -18.52 4.65
CA ILE B 129 -11.84 -17.48 5.65
C ILE B 129 -11.71 -16.14 4.95
N ILE B 130 -12.61 -15.22 5.27
CA ILE B 130 -12.61 -13.89 4.67
C ILE B 130 -12.45 -12.80 5.75
N SER B 131 -11.45 -11.92 5.57
CA SER B 131 -11.19 -10.83 6.52
C SER B 131 -12.34 -9.84 6.51
N ASP B 132 -12.83 -9.45 7.69
CA ASP B 132 -13.94 -8.51 7.75
C ASP B 132 -13.64 -7.06 7.37
N ARG B 133 -12.39 -6.77 7.03
CA ARG B 133 -12.03 -5.41 6.64
C ARG B 133 -11.87 -5.26 5.13
N ALA B 134 -12.06 -6.36 4.39
CA ALA B 134 -11.96 -6.34 2.94
C ALA B 134 -13.14 -5.57 2.34
N HIS B 135 -12.89 -4.83 1.27
CA HIS B 135 -13.93 -4.04 0.61
C HIS B 135 -14.76 -4.84 -0.40
N LEU B 136 -15.98 -4.35 -0.62
CA LEU B 136 -16.92 -4.95 -1.54
C LEU B 136 -16.97 -4.29 -2.91
N VAL B 137 -16.90 -5.11 -3.95
CA VAL B 137 -17.03 -4.61 -5.31
C VAL B 137 -18.51 -4.82 -5.64
N PHE B 138 -19.24 -3.74 -5.86
CA PHE B 138 -20.65 -3.86 -6.20
C PHE B 138 -20.86 -3.96 -7.71
N ASP B 139 -22.02 -4.47 -8.12
CA ASP B 139 -22.32 -4.60 -9.53
C ASP B 139 -22.20 -3.26 -10.25
N PHE B 140 -22.59 -2.18 -9.59
CA PHE B 140 -22.48 -0.89 -10.25
C PHE B 140 -21.02 -0.50 -10.39
N HIS B 141 -20.15 -1.02 -9.53
CA HIS B 141 -18.72 -0.72 -9.65
C HIS B 141 -18.21 -1.34 -10.93
N GLN B 142 -18.72 -2.52 -11.26
CA GLN B 142 -18.31 -3.20 -12.48
C GLN B 142 -18.84 -2.46 -13.71
N ALA B 143 -20.09 -2.01 -13.63
CA ALA B 143 -20.71 -1.29 -14.73
C ALA B 143 -19.94 0.01 -15.02
N VAL B 144 -19.53 0.71 -13.97
CA VAL B 144 -18.78 1.95 -14.14
C VAL B 144 -17.43 1.70 -14.80
N ASP B 145 -16.80 0.57 -14.47
CA ASP B 145 -15.51 0.25 -15.07
C ASP B 145 -15.72 0.24 -16.57
N GLY B 146 -16.68 -0.56 -17.02
CA GLY B 146 -16.99 -0.67 -18.44
C GLY B 146 -17.37 0.65 -19.10
N LEU B 147 -18.23 1.42 -18.43
CA LEU B 147 -18.69 2.69 -18.97
C LEU B 147 -17.54 3.68 -19.16
N GLN B 148 -16.70 3.81 -18.14
CA GLN B 148 -15.56 4.73 -18.22
C GLN B 148 -14.63 4.27 -19.32
N GLU B 149 -14.60 2.96 -19.54
CA GLU B 149 -13.75 2.37 -20.55
C GLU B 149 -14.30 2.68 -21.95
N VAL B 150 -15.62 2.57 -22.10
CA VAL B 150 -16.28 2.86 -23.37
C VAL B 150 -16.14 4.35 -23.66
N GLN B 151 -16.41 5.15 -22.63
CA GLN B 151 -16.31 6.59 -22.73
C GLN B 151 -14.91 6.96 -23.21
N ARG B 152 -13.93 6.70 -22.36
CA ARG B 152 -12.53 6.98 -22.66
C ARG B 152 -12.12 6.40 -24.02
N GLN B 153 -12.70 5.26 -24.38
CA GLN B 153 -12.39 4.65 -25.67
C GLN B 153 -12.74 5.63 -26.78
N ALA B 154 -14.01 6.01 -26.84
CA ALA B 154 -14.50 6.93 -27.85
C ALA B 154 -14.45 8.37 -27.35
N GLN B 155 -13.23 8.86 -27.10
CA GLN B 155 -13.03 10.23 -26.63
C GLN B 155 -11.55 10.54 -26.76
N GLU B 156 -10.72 9.56 -26.39
CA GLU B 156 -9.27 9.69 -26.47
C GLU B 156 -8.71 8.66 -27.45
N GLY B 157 -9.60 7.94 -28.12
CA GLY B 157 -9.18 6.95 -29.09
C GLY B 157 -8.75 5.60 -28.54
N LYS B 158 -8.43 5.56 -27.25
CA LYS B 158 -7.99 4.31 -26.59
C LYS B 158 -8.27 4.38 -25.09
N ASN B 159 -8.47 3.22 -24.48
CA ASN B 159 -8.72 3.16 -23.04
C ASN B 159 -7.57 2.51 -22.28
N ILE B 160 -7.80 2.23 -21.00
CA ILE B 160 -6.78 1.60 -20.15
C ILE B 160 -6.68 0.09 -20.38
N GLY B 161 -7.76 -0.50 -20.87
CA GLY B 161 -7.76 -1.93 -21.14
C GLY B 161 -7.99 -2.80 -19.90
N THR B 162 -8.81 -2.31 -18.97
CA THR B 162 -9.10 -3.05 -17.74
C THR B 162 -9.88 -4.31 -18.06
N THR B 163 -9.99 -5.21 -17.08
CA THR B 163 -10.73 -6.45 -17.26
C THR B 163 -12.22 -6.23 -16.99
N LYS B 164 -12.59 -4.98 -16.70
CA LYS B 164 -13.97 -4.60 -16.45
C LYS B 164 -14.65 -5.32 -15.27
N LYS B 165 -13.86 -5.66 -14.26
CA LYS B 165 -14.37 -6.35 -13.08
C LYS B 165 -14.60 -5.35 -11.95
N GLY B 166 -14.66 -4.06 -12.29
CA GLY B 166 -14.89 -3.03 -11.29
C GLY B 166 -13.85 -2.84 -10.19
N ILE B 167 -12.64 -3.37 -10.41
CA ILE B 167 -11.57 -3.25 -9.43
C ILE B 167 -11.16 -1.81 -9.18
N GLY B 168 -10.88 -1.08 -10.26
CA GLY B 168 -10.48 0.31 -10.15
C GLY B 168 -11.49 1.16 -9.40
N PRO B 169 -12.75 1.19 -9.85
CA PRO B 169 -13.79 1.98 -9.16
C PRO B 169 -13.92 1.64 -7.67
N THR B 170 -13.76 0.35 -7.34
CA THR B 170 -13.88 -0.07 -5.95
C THR B 170 -12.73 0.51 -5.12
N TYR B 171 -11.51 0.43 -5.63
CA TYR B 171 -10.37 0.99 -4.92
C TYR B 171 -10.54 2.49 -4.88
N SER B 172 -11.22 3.02 -5.89
CA SER B 172 -11.47 4.45 -5.95
C SER B 172 -12.38 4.81 -4.79
N SER B 173 -13.40 3.99 -4.56
CA SER B 173 -14.36 4.22 -3.46
C SER B 173 -13.68 4.05 -2.10
N LYS B 174 -12.77 3.07 -2.03
CA LYS B 174 -12.03 2.82 -0.81
C LYS B 174 -11.32 4.10 -0.39
N ALA B 175 -10.55 4.68 -1.30
CA ALA B 175 -9.82 5.91 -1.03
C ALA B 175 -10.75 7.05 -0.60
N ALA B 176 -11.93 7.11 -1.23
CA ALA B 176 -12.90 8.16 -0.90
C ALA B 176 -13.57 7.90 0.44
N ARG B 177 -13.40 6.68 0.96
CA ARG B 177 -14.00 6.26 2.22
C ARG B 177 -15.53 6.17 2.15
N THR B 178 -16.03 6.00 0.93
CA THR B 178 -17.47 5.85 0.70
C THR B 178 -17.76 4.38 0.41
N GLY B 179 -16.70 3.58 0.28
CA GLY B 179 -16.87 2.17 -0.01
C GLY B 179 -17.37 1.41 1.22
N LEU B 180 -17.99 0.27 0.98
CA LEU B 180 -18.52 -0.55 2.07
C LEU B 180 -17.68 -1.83 2.22
N ARG B 181 -17.58 -2.32 3.45
CA ARG B 181 -16.76 -3.50 3.73
C ARG B 181 -17.55 -4.72 4.21
N ILE B 182 -16.88 -5.86 4.27
CA ILE B 182 -17.51 -7.10 4.70
C ILE B 182 -18.21 -6.90 6.04
N CYS B 183 -17.50 -6.33 7.01
CA CYS B 183 -18.10 -6.09 8.32
C CYS B 183 -19.35 -5.23 8.22
N ASP B 184 -19.40 -4.32 7.25
CA ASP B 184 -20.58 -3.47 7.08
C ASP B 184 -21.73 -4.34 6.56
N LEU B 185 -21.40 -5.31 5.71
CA LEU B 185 -22.39 -6.21 5.10
C LEU B 185 -23.01 -7.12 6.16
N LEU B 186 -22.22 -7.50 7.15
CA LEU B 186 -22.67 -8.41 8.21
C LEU B 186 -23.33 -7.71 9.41
N SER B 187 -23.27 -6.38 9.45
CA SER B 187 -23.88 -5.65 10.55
C SER B 187 -25.35 -5.38 10.22
N ASP B 188 -25.92 -4.33 10.83
CA ASP B 188 -27.32 -4.00 10.57
C ASP B 188 -27.51 -3.82 9.08
N PHE B 189 -28.33 -4.67 8.47
CA PHE B 189 -28.56 -4.57 7.05
C PHE B 189 -29.25 -3.28 6.64
N ASP B 190 -30.18 -2.80 7.46
CA ASP B 190 -30.90 -1.56 7.15
C ASP B 190 -29.90 -0.43 6.99
N GLU B 191 -28.97 -0.32 7.94
CA GLU B 191 -27.97 0.73 7.87
C GLU B 191 -27.09 0.48 6.65
N PHE B 192 -26.79 -0.79 6.38
CA PHE B 192 -25.97 -1.13 5.22
C PHE B 192 -26.68 -0.63 3.97
N SER B 193 -27.98 -0.93 3.90
CA SER B 193 -28.82 -0.54 2.78
C SER B 193 -28.78 0.98 2.58
N ALA B 194 -28.90 1.71 3.68
CA ALA B 194 -28.86 3.17 3.62
C ALA B 194 -27.55 3.66 2.99
N ARG B 195 -26.44 3.03 3.39
CA ARG B 195 -25.12 3.39 2.87
C ARG B 195 -24.98 3.03 1.40
N PHE B 196 -25.42 1.83 1.04
CA PHE B 196 -25.35 1.33 -0.32
C PHE B 196 -26.05 2.29 -1.29
N LYS B 197 -27.27 2.67 -0.93
CA LYS B 197 -28.06 3.56 -1.77
C LYS B 197 -27.35 4.88 -2.01
N ASN B 198 -26.76 5.44 -0.95
CA ASN B 198 -26.02 6.69 -1.11
C ASN B 198 -24.84 6.46 -2.05
N LEU B 199 -24.09 5.39 -1.82
CA LEU B 199 -22.94 5.10 -2.69
C LEU B 199 -23.44 4.85 -4.11
N ALA B 200 -24.60 4.24 -4.23
CA ALA B 200 -25.18 3.94 -5.54
C ALA B 200 -25.50 5.22 -6.31
N HIS B 201 -26.22 6.13 -5.66
CA HIS B 201 -26.59 7.39 -6.31
C HIS B 201 -25.36 8.23 -6.67
N GLN B 202 -24.36 8.22 -5.80
CA GLN B 202 -23.14 8.98 -6.05
C GLN B 202 -22.53 8.60 -7.39
N HIS B 203 -22.55 7.31 -7.70
CA HIS B 203 -21.99 6.84 -8.95
C HIS B 203 -22.89 7.19 -10.13
N GLN B 204 -24.17 7.39 -9.87
CA GLN B 204 -25.11 7.75 -10.92
C GLN B 204 -24.91 9.17 -11.40
N SER B 205 -24.21 9.97 -10.59
CA SER B 205 -23.93 11.35 -10.95
C SER B 205 -22.79 11.34 -11.96
N MET B 206 -21.76 10.56 -11.66
CA MET B 206 -20.60 10.42 -12.54
C MET B 206 -21.09 9.97 -13.91
N PHE B 207 -22.03 9.02 -13.89
CA PHE B 207 -22.62 8.48 -15.09
C PHE B 207 -24.13 8.44 -14.99
N PRO B 208 -24.81 9.48 -15.48
CA PRO B 208 -26.28 9.52 -15.42
C PRO B 208 -26.84 8.47 -16.37
N THR B 209 -25.94 7.69 -16.95
CA THR B 209 -26.29 6.62 -17.88
C THR B 209 -26.27 5.31 -17.12
N LEU B 210 -25.69 5.35 -15.92
CA LEU B 210 -25.57 4.20 -15.05
C LEU B 210 -26.92 3.73 -14.53
N GLU B 211 -27.30 2.52 -14.91
CA GLU B 211 -28.57 1.94 -14.49
C GLU B 211 -28.32 1.00 -13.32
N ILE B 212 -29.00 1.25 -12.20
CA ILE B 212 -28.82 0.43 -11.01
C ILE B 212 -30.14 -0.01 -10.37
N ASP B 213 -30.38 -1.31 -10.39
CA ASP B 213 -31.57 -1.86 -9.77
C ASP B 213 -31.21 -1.97 -8.28
N VAL B 214 -31.22 -0.84 -7.59
CA VAL B 214 -30.89 -0.77 -6.18
C VAL B 214 -31.52 -1.86 -5.34
N GLU B 215 -32.83 -2.02 -5.48
CA GLU B 215 -33.58 -3.02 -4.72
C GLU B 215 -33.16 -4.45 -5.03
N GLY B 216 -33.00 -4.78 -6.31
CA GLY B 216 -32.59 -6.12 -6.68
C GLY B 216 -31.20 -6.42 -6.13
N GLN B 217 -30.24 -5.55 -6.44
CA GLN B 217 -28.86 -5.73 -5.99
C GLN B 217 -28.76 -5.89 -4.47
N LEU B 218 -29.63 -5.23 -3.72
CA LEU B 218 -29.60 -5.35 -2.26
C LEU B 218 -30.15 -6.70 -1.84
N LYS B 219 -31.14 -7.19 -2.58
CA LYS B 219 -31.75 -8.49 -2.27
C LYS B 219 -30.70 -9.58 -2.46
N ARG B 220 -29.95 -9.50 -3.55
CA ARG B 220 -28.91 -10.48 -3.82
C ARG B 220 -27.80 -10.41 -2.77
N LEU B 221 -27.48 -9.19 -2.33
CA LEU B 221 -26.44 -8.97 -1.31
C LEU B 221 -26.88 -9.53 0.04
N LYS B 222 -28.15 -9.35 0.37
CA LYS B 222 -28.68 -9.87 1.62
C LYS B 222 -28.42 -11.38 1.64
N GLY B 223 -28.62 -12.02 0.50
CA GLY B 223 -28.43 -13.45 0.39
C GLY B 223 -26.97 -13.82 0.50
N PHE B 224 -26.10 -13.06 -0.16
CA PHE B 224 -24.67 -13.34 -0.11
C PHE B 224 -24.12 -13.19 1.31
N ALA B 225 -24.67 -12.25 2.07
CA ALA B 225 -24.23 -12.01 3.45
C ALA B 225 -24.46 -13.22 4.34
N GLU B 226 -25.65 -13.80 4.25
CA GLU B 226 -25.96 -14.95 5.08
C GLU B 226 -25.11 -16.15 4.66
N ARG B 227 -24.77 -16.22 3.38
CA ARG B 227 -23.97 -17.31 2.87
C ARG B 227 -22.48 -17.17 3.21
N ILE B 228 -22.01 -15.93 3.29
CA ILE B 228 -20.60 -15.64 3.59
C ILE B 228 -20.34 -15.50 5.10
N ARG B 229 -21.41 -15.27 5.85
CA ARG B 229 -21.33 -15.06 7.29
C ARG B 229 -20.41 -16.00 8.08
N PRO B 230 -20.61 -17.33 7.97
CA PRO B 230 -19.76 -18.27 8.72
C PRO B 230 -18.29 -18.29 8.31
N MET B 231 -17.96 -17.63 7.21
CA MET B 231 -16.58 -17.61 6.74
C MET B 231 -15.79 -16.37 7.17
N VAL B 232 -16.51 -15.34 7.59
CA VAL B 232 -15.87 -14.08 7.99
C VAL B 232 -15.27 -14.03 9.37
N ARG B 233 -14.12 -13.37 9.45
CA ARG B 233 -13.44 -13.21 10.71
C ARG B 233 -12.59 -11.96 10.70
N ASP B 234 -12.07 -11.62 11.87
CA ASP B 234 -11.20 -10.46 11.95
C ASP B 234 -9.88 -10.98 11.39
N GLY B 235 -9.48 -10.44 10.25
CA GLY B 235 -8.26 -10.88 9.59
C GLY B 235 -6.97 -10.53 10.31
N VAL B 236 -6.87 -9.32 10.84
CA VAL B 236 -5.66 -8.92 11.55
C VAL B 236 -5.34 -9.93 12.66
N TYR B 237 -6.32 -10.22 13.51
CA TYR B 237 -6.15 -11.15 14.62
C TYR B 237 -5.92 -12.58 14.15
N PHE B 238 -6.66 -12.98 13.14
CA PHE B 238 -6.55 -14.33 12.60
C PHE B 238 -5.12 -14.61 12.11
N MET B 239 -4.56 -13.69 11.34
CA MET B 239 -3.20 -13.87 10.84
C MET B 239 -2.18 -13.79 11.97
N TYR B 240 -2.36 -12.85 12.91
CA TYR B 240 -1.45 -12.71 14.04
C TYR B 240 -1.36 -14.04 14.80
N GLU B 241 -2.53 -14.60 15.11
CA GLU B 241 -2.61 -15.85 15.84
C GLU B 241 -1.93 -16.99 15.09
N ALA B 242 -2.16 -17.05 13.78
CA ALA B 242 -1.57 -18.08 12.95
C ALA B 242 -0.04 -17.99 12.95
N LEU B 243 0.48 -16.77 13.04
CA LEU B 243 1.93 -16.57 13.02
C LEU B 243 2.61 -16.58 14.39
N HIS B 244 1.83 -16.60 15.47
CA HIS B 244 2.43 -16.60 16.81
C HIS B 244 2.08 -17.79 17.71
N GLY B 245 1.29 -18.73 17.22
CA GLY B 245 0.94 -19.89 18.02
C GLY B 245 1.81 -21.06 17.63
N PRO B 246 1.27 -22.29 17.62
CA PRO B 246 2.12 -23.41 17.21
C PRO B 246 2.53 -23.18 15.75
N PRO B 247 3.75 -23.60 15.37
CA PRO B 247 4.25 -23.42 14.00
C PRO B 247 3.31 -23.79 12.85
N LYS B 248 3.14 -22.84 11.93
CA LYS B 248 2.30 -23.02 10.76
C LYS B 248 2.99 -22.38 9.56
N LYS B 249 2.79 -22.95 8.37
CA LYS B 249 3.39 -22.42 7.16
C LYS B 249 2.34 -21.66 6.37
N VAL B 250 2.54 -20.35 6.24
CA VAL B 250 1.60 -19.50 5.52
C VAL B 250 2.18 -19.11 4.17
N LEU B 251 1.39 -19.34 3.13
CA LEU B 251 1.79 -19.01 1.77
C LEU B 251 0.91 -17.86 1.32
N VAL B 252 1.52 -16.85 0.71
CA VAL B 252 0.77 -15.69 0.23
C VAL B 252 0.83 -15.63 -1.28
N GLU B 253 -0.34 -15.70 -1.90
CA GLU B 253 -0.46 -15.69 -3.35
C GLU B 253 -0.67 -14.30 -3.93
N GLY B 254 0.35 -13.78 -4.61
CA GLY B 254 0.25 -12.47 -5.20
C GLY B 254 -0.52 -12.54 -6.51
N ALA B 255 -1.31 -11.51 -6.78
CA ALA B 255 -2.09 -11.45 -8.01
C ALA B 255 -1.49 -10.37 -8.91
N ASN B 256 -1.81 -10.42 -10.19
CA ASN B 256 -1.28 -9.45 -11.14
C ASN B 256 0.25 -9.53 -11.14
N ALA B 257 0.93 -8.41 -11.40
CA ALA B 257 2.40 -8.42 -11.43
C ALA B 257 3.05 -7.06 -11.14
N ALA B 258 4.37 -7.08 -10.98
CA ALA B 258 5.14 -5.88 -10.67
C ALA B 258 4.85 -4.70 -11.58
N LEU B 259 4.88 -4.92 -12.90
CA LEU B 259 4.63 -3.82 -13.82
C LEU B 259 3.17 -3.46 -13.96
N LEU B 260 2.31 -4.07 -13.14
CA LEU B 260 0.88 -3.77 -13.16
C LEU B 260 0.55 -3.06 -11.83
N ASP B 261 1.53 -3.00 -10.93
CA ASP B 261 1.36 -2.38 -9.62
C ASP B 261 0.95 -0.91 -9.75
N ILE B 262 -0.11 -0.51 -9.04
CA ILE B 262 -0.60 0.87 -9.11
C ILE B 262 0.47 1.93 -8.94
N ASP B 263 1.47 1.62 -8.12
CA ASP B 263 2.58 2.54 -7.85
C ASP B 263 3.78 2.35 -8.76
N PHE B 264 4.23 1.11 -8.91
CA PHE B 264 5.45 0.86 -9.69
C PHE B 264 5.31 0.32 -11.10
N GLY B 265 4.09 0.08 -11.55
CA GLY B 265 3.89 -0.44 -12.89
C GLY B 265 3.91 0.63 -13.97
N THR B 266 3.67 0.24 -15.21
CA THR B 266 3.67 1.18 -16.32
C THR B 266 2.34 1.96 -16.37
N TYR B 267 2.19 2.85 -15.39
CA TYR B 267 1.01 3.70 -15.23
C TYR B 267 0.75 4.45 -16.54
N PRO B 268 -0.53 4.63 -16.92
CA PRO B 268 -1.76 4.21 -16.23
C PRO B 268 -2.22 2.79 -16.60
N PHE B 269 -1.43 2.08 -17.39
CA PHE B 269 -1.83 0.74 -17.80
C PHE B 269 -1.48 -0.25 -16.69
N VAL B 270 -2.09 -0.04 -15.53
CA VAL B 270 -1.86 -0.89 -14.37
C VAL B 270 -3.17 -1.16 -13.65
N THR B 271 -3.13 -2.08 -12.69
CA THR B 271 -4.31 -2.39 -11.91
C THR B 271 -4.26 -1.46 -10.70
N SER B 272 -5.33 -1.38 -9.92
CA SER B 272 -5.33 -0.42 -8.81
C SER B 272 -4.91 -0.86 -7.42
N SER B 273 -4.09 -1.89 -7.33
CA SER B 273 -3.61 -2.36 -6.03
C SER B 273 -2.10 -2.51 -6.06
N ASN B 274 -1.50 -2.69 -4.89
CA ASN B 274 -0.06 -2.89 -4.82
C ASN B 274 0.21 -4.39 -4.87
N CYS B 275 0.46 -4.90 -6.07
CA CYS B 275 0.74 -6.32 -6.23
C CYS B 275 2.20 -6.63 -5.97
N THR B 276 2.91 -5.67 -5.40
CA THR B 276 4.30 -5.86 -5.06
C THR B 276 4.36 -6.32 -3.61
N VAL B 277 5.56 -6.66 -3.13
CA VAL B 277 5.75 -7.18 -1.77
C VAL B 277 5.17 -6.38 -0.62
N GLY B 278 5.20 -5.06 -0.70
CA GLY B 278 4.64 -4.24 0.36
C GLY B 278 3.17 -4.51 0.54
N GLY B 279 2.48 -4.78 -0.57
CA GLY B 279 1.06 -5.06 -0.53
C GLY B 279 0.74 -6.22 0.39
N VAL B 280 1.74 -7.07 0.62
CA VAL B 280 1.55 -8.21 1.51
C VAL B 280 1.32 -7.64 2.93
N CYS B 281 2.16 -6.71 3.35
CA CYS B 281 2.00 -6.11 4.68
C CYS B 281 0.70 -5.30 4.80
N THR B 282 0.44 -4.41 3.85
CA THR B 282 -0.78 -3.59 3.89
C THR B 282 -2.04 -4.42 3.63
N GLY B 283 -1.86 -5.57 3.01
CA GLY B 283 -3.01 -6.43 2.70
C GLY B 283 -3.41 -7.45 3.73
N LEU B 284 -2.49 -7.82 4.62
CA LEU B 284 -2.76 -8.80 5.67
C LEU B 284 -2.58 -8.20 7.05
N GLY B 285 -1.93 -7.05 7.12
CA GLY B 285 -1.70 -6.41 8.40
C GLY B 285 -0.57 -7.05 9.18
N ILE B 286 0.45 -7.54 8.48
CA ILE B 286 1.59 -8.14 9.17
C ILE B 286 2.82 -7.29 8.86
N PRO B 287 3.69 -7.10 9.85
CA PRO B 287 4.91 -6.30 9.66
C PRO B 287 5.99 -7.05 8.89
N PRO B 288 7.00 -6.31 8.40
CA PRO B 288 8.11 -6.88 7.63
C PRO B 288 8.84 -8.09 8.23
N GLN B 289 8.93 -8.16 9.56
CA GLN B 289 9.60 -9.30 10.20
C GLN B 289 8.85 -10.61 10.01
N ASN B 290 7.59 -10.52 9.55
CA ASN B 290 6.82 -11.73 9.32
C ASN B 290 6.82 -12.14 7.86
N ILE B 291 7.68 -11.48 7.08
CA ILE B 291 7.82 -11.80 5.67
C ILE B 291 9.16 -12.52 5.47
N GLY B 292 9.08 -13.75 4.95
CA GLY B 292 10.28 -14.53 4.71
C GLY B 292 10.63 -14.61 3.25
N ASP B 293 10.63 -15.82 2.69
CA ASP B 293 10.96 -15.99 1.28
C ASP B 293 9.95 -15.30 0.36
N VAL B 294 10.47 -14.55 -0.60
CA VAL B 294 9.63 -13.86 -1.57
C VAL B 294 10.09 -14.37 -2.94
N TYR B 295 9.24 -15.16 -3.58
CA TYR B 295 9.57 -15.73 -4.88
C TYR B 295 8.99 -14.96 -6.05
N GLY B 296 9.85 -14.64 -7.01
CA GLY B 296 9.41 -13.94 -8.20
C GLY B 296 9.21 -14.90 -9.35
N VAL B 297 7.99 -14.96 -9.88
CA VAL B 297 7.71 -15.84 -11.01
C VAL B 297 8.12 -15.12 -12.27
N VAL B 298 9.15 -15.67 -12.93
CA VAL B 298 9.70 -15.09 -14.14
C VAL B 298 9.44 -15.95 -15.37
N LYS B 299 8.73 -15.42 -16.36
CA LYS B 299 8.48 -16.20 -17.56
C LYS B 299 9.76 -16.12 -18.40
N ALA B 300 10.08 -17.20 -19.11
CA ALA B 300 11.28 -17.27 -19.94
C ALA B 300 11.33 -16.24 -21.06
N TYR B 301 10.19 -15.63 -21.34
CA TYR B 301 10.08 -14.59 -22.35
C TYR B 301 9.06 -13.61 -21.82
N THR B 302 8.83 -12.51 -22.53
CA THR B 302 7.89 -11.52 -22.01
C THR B 302 6.57 -11.38 -22.77
N THR B 303 5.49 -11.18 -22.03
CA THR B 303 4.17 -10.99 -22.60
C THR B 303 3.56 -9.74 -21.98
N ARG B 304 2.79 -9.01 -22.79
CA ARG B 304 2.15 -7.77 -22.35
C ARG B 304 0.73 -7.76 -22.94
N VAL B 305 -0.23 -7.22 -22.21
CA VAL B 305 -1.60 -7.16 -22.68
C VAL B 305 -2.10 -5.73 -22.79
N GLY B 306 -2.55 -5.35 -23.98
CA GLY B 306 -3.05 -4.00 -24.19
C GLY B 306 -2.03 -3.07 -24.83
N ILE B 307 -2.44 -1.85 -25.14
CA ILE B 307 -1.54 -0.88 -25.74
C ILE B 307 -0.50 -0.44 -24.71
N GLY B 308 0.60 0.14 -25.19
CA GLY B 308 1.64 0.59 -24.28
C GLY B 308 3.02 0.14 -24.70
N ALA B 309 4.04 0.79 -24.16
CA ALA B 309 5.42 0.46 -24.49
C ALA B 309 5.76 -0.97 -24.08
N PHE B 310 6.49 -1.66 -24.96
CA PHE B 310 6.93 -3.05 -24.74
C PHE B 310 8.26 -3.12 -25.49
N PRO B 311 9.36 -2.68 -24.85
CA PRO B 311 10.71 -2.66 -25.43
C PRO B 311 11.18 -3.87 -26.25
N THR B 312 10.94 -5.08 -25.76
CA THR B 312 11.40 -6.27 -26.48
C THR B 312 10.36 -6.96 -27.34
N GLU B 313 9.23 -6.29 -27.60
CA GLU B 313 8.16 -6.89 -28.40
C GLU B 313 8.64 -7.39 -29.77
N GLN B 314 8.18 -8.60 -30.12
CA GLN B 314 8.53 -9.21 -31.40
C GLN B 314 7.31 -9.34 -32.30
N ILE B 315 7.10 -8.32 -33.12
CA ILE B 315 5.98 -8.33 -34.06
C ILE B 315 6.50 -9.01 -35.33
N ASN B 316 6.63 -10.33 -35.26
CA ASN B 316 7.13 -11.13 -36.38
C ASN B 316 6.94 -12.63 -36.13
N GLU B 317 7.63 -13.47 -36.90
CA GLU B 317 7.51 -14.91 -36.74
C GLU B 317 7.89 -15.42 -35.35
N ILE B 318 8.92 -14.80 -34.75
CA ILE B 318 9.35 -15.20 -33.42
C ILE B 318 8.25 -14.89 -32.42
N GLY B 319 7.64 -13.72 -32.58
CA GLY B 319 6.56 -13.34 -31.70
C GLY B 319 5.41 -14.31 -31.88
N ASP B 320 5.12 -14.66 -33.14
CA ASP B 320 4.04 -15.60 -33.43
C ASP B 320 4.33 -16.93 -32.77
N LEU B 321 5.59 -17.35 -32.87
CA LEU B 321 6.01 -18.63 -32.30
C LEU B 321 5.74 -18.65 -30.80
N LEU B 322 6.18 -17.61 -30.11
CA LEU B 322 5.99 -17.52 -28.67
C LEU B 322 4.50 -17.53 -28.33
N GLN B 323 3.71 -16.72 -29.04
CA GLN B 323 2.27 -16.68 -28.81
C GLN B 323 1.64 -18.07 -28.94
N ASN B 324 2.00 -18.79 -30.00
CA ASN B 324 1.43 -20.12 -30.22
C ASN B 324 1.88 -21.16 -29.20
N ARG B 325 3.19 -21.35 -29.06
CA ARG B 325 3.70 -22.34 -28.14
C ARG B 325 3.39 -22.04 -26.68
N GLY B 326 3.21 -20.76 -26.35
CA GLY B 326 2.91 -20.41 -24.97
C GLY B 326 1.42 -20.21 -24.72
N HIS B 327 0.61 -20.46 -25.74
CA HIS B 327 -0.85 -20.30 -25.62
C HIS B 327 -1.18 -18.96 -24.97
N GLU B 328 -0.49 -17.91 -25.39
CA GLU B 328 -0.70 -16.58 -24.82
C GLU B 328 -1.89 -15.84 -25.39
N TRP B 329 -3.06 -16.06 -24.81
CA TRP B 329 -4.25 -15.36 -25.26
C TRP B 329 -5.32 -15.35 -24.19
N GLY B 330 -6.12 -14.28 -24.17
CA GLY B 330 -7.17 -14.16 -23.20
C GLY B 330 -8.05 -15.40 -23.23
N VAL B 331 -7.88 -16.26 -22.23
CA VAL B 331 -8.64 -17.50 -22.14
C VAL B 331 -10.13 -17.31 -22.46
N THR B 332 -10.64 -16.09 -22.24
CA THR B 332 -12.05 -15.80 -22.51
C THR B 332 -12.18 -14.96 -23.79
N THR B 333 -11.94 -13.65 -23.66
CA THR B 333 -12.01 -12.71 -24.78
C THR B 333 -11.22 -13.21 -26.00
N GLY B 334 -10.28 -14.13 -25.76
CA GLY B 334 -9.49 -14.68 -26.84
C GLY B 334 -8.43 -13.77 -27.43
N ARG B 335 -8.39 -12.52 -26.98
CA ARG B 335 -7.40 -11.56 -27.48
C ARG B 335 -6.00 -12.13 -27.30
N LYS B 336 -5.19 -12.04 -28.34
CA LYS B 336 -3.82 -12.53 -28.26
C LYS B 336 -3.00 -11.59 -27.41
N ARG B 337 -2.00 -12.16 -26.74
CA ARG B 337 -1.12 -11.38 -25.90
C ARG B 337 0.13 -11.04 -26.70
N ARG B 338 0.67 -9.84 -26.46
CA ARG B 338 1.86 -9.41 -27.16
C ARG B 338 3.05 -10.17 -26.54
N CYS B 339 3.97 -10.62 -27.39
CA CYS B 339 5.13 -11.38 -26.95
C CYS B 339 6.45 -10.77 -27.39
N GLY B 340 7.48 -10.99 -26.57
CA GLY B 340 8.80 -10.47 -26.86
C GLY B 340 9.84 -11.26 -26.11
N TRP B 341 11.11 -10.92 -26.33
CA TRP B 341 12.21 -11.60 -25.64
C TRP B 341 12.20 -11.28 -24.16
N LEU B 342 12.98 -12.03 -23.37
CA LEU B 342 13.07 -11.76 -21.94
C LEU B 342 13.68 -10.36 -21.87
N ASP B 343 13.31 -9.60 -20.83
CA ASP B 343 13.79 -8.23 -20.67
C ASP B 343 14.29 -8.08 -19.22
N LEU B 344 15.61 -8.16 -19.05
CA LEU B 344 16.23 -8.07 -17.74
C LEU B 344 16.09 -6.71 -17.08
N MET B 345 15.75 -5.69 -17.87
CA MET B 345 15.58 -4.35 -17.30
C MET B 345 14.31 -4.32 -16.43
N ILE B 346 13.24 -4.96 -16.90
CA ILE B 346 12.03 -4.96 -16.10
C ILE B 346 12.22 -5.89 -14.92
N LEU B 347 12.96 -6.99 -15.12
CA LEU B 347 13.20 -7.93 -14.03
C LEU B 347 13.99 -7.31 -12.87
N ARG B 348 15.11 -6.66 -13.18
CA ARG B 348 15.91 -6.02 -12.13
C ARG B 348 15.07 -4.97 -11.42
N TYR B 349 14.27 -4.23 -12.19
CA TYR B 349 13.40 -3.21 -11.61
C TYR B 349 12.42 -3.88 -10.64
N ALA B 350 11.87 -5.02 -11.04
CA ALA B 350 10.91 -5.74 -10.21
C ALA B 350 11.60 -6.29 -8.96
N HIS B 351 12.90 -6.54 -9.06
CA HIS B 351 13.65 -7.04 -7.92
C HIS B 351 13.96 -5.89 -6.97
N MET B 352 14.32 -4.73 -7.52
CA MET B 352 14.62 -3.57 -6.68
C MET B 352 13.42 -3.27 -5.77
N VAL B 353 12.21 -3.45 -6.30
CA VAL B 353 11.00 -3.19 -5.54
C VAL B 353 10.64 -4.36 -4.60
N ASN B 354 10.62 -5.57 -5.15
CA ASN B 354 10.23 -6.77 -4.39
C ASN B 354 11.26 -7.49 -3.54
N GLY B 355 12.55 -7.31 -3.84
CA GLY B 355 13.58 -7.99 -3.08
C GLY B 355 13.38 -9.50 -3.05
N PHE B 356 13.26 -10.10 -4.23
CA PHE B 356 13.06 -11.55 -4.36
C PHE B 356 14.20 -12.27 -3.63
N THR B 357 13.88 -13.39 -3.00
CA THR B 357 14.89 -14.18 -2.31
C THR B 357 15.31 -15.35 -3.22
N ALA B 358 14.42 -15.71 -4.14
CA ALA B 358 14.64 -16.78 -5.12
C ALA B 358 13.64 -16.60 -6.27
N LEU B 359 13.93 -17.23 -7.42
CA LEU B 359 13.06 -17.12 -8.59
C LEU B 359 12.49 -18.44 -9.10
N ALA B 360 11.37 -18.33 -9.80
CA ALA B 360 10.71 -19.47 -10.45
C ALA B 360 10.74 -19.09 -11.93
N LEU B 361 11.66 -19.71 -12.68
CA LEU B 361 11.80 -19.46 -14.11
C LEU B 361 10.81 -20.39 -14.80
N THR B 362 9.78 -19.82 -15.41
CA THR B 362 8.73 -20.61 -16.04
C THR B 362 8.68 -20.62 -17.58
N LYS B 363 7.98 -21.62 -18.10
CA LYS B 363 7.81 -21.81 -19.53
C LYS B 363 9.11 -21.93 -20.31
N LEU B 364 10.09 -22.59 -19.73
CA LEU B 364 11.37 -22.80 -20.39
C LEU B 364 11.13 -23.66 -21.63
N ASP B 365 10.18 -24.58 -21.52
CA ASP B 365 9.86 -25.48 -22.63
C ASP B 365 9.43 -24.76 -23.91
N ILE B 366 8.80 -23.60 -23.78
CA ILE B 366 8.37 -22.84 -24.96
C ILE B 366 9.56 -22.51 -25.86
N LEU B 367 10.75 -22.41 -25.26
CA LEU B 367 11.97 -22.08 -25.99
C LEU B 367 12.72 -23.31 -26.52
N ASP B 368 12.17 -24.49 -26.25
CA ASP B 368 12.79 -25.74 -26.71
C ASP B 368 13.16 -25.80 -28.18
N VAL B 369 12.44 -25.08 -29.04
CA VAL B 369 12.69 -25.17 -30.48
C VAL B 369 13.51 -24.08 -31.17
N LEU B 370 13.82 -22.99 -30.47
CA LEU B 370 14.58 -21.92 -31.10
C LEU B 370 16.07 -22.24 -31.23
N SER B 371 16.66 -21.81 -32.34
CA SER B 371 18.08 -22.04 -32.61
C SER B 371 18.90 -21.08 -31.75
N GLU B 372 18.32 -19.92 -31.46
CA GLU B 372 18.95 -18.92 -30.64
C GLU B 372 17.93 -18.07 -29.90
N ILE B 373 18.35 -17.50 -28.77
CA ILE B 373 17.46 -16.69 -27.95
C ILE B 373 18.11 -15.35 -27.64
N LYS B 374 17.39 -14.26 -27.89
CA LYS B 374 17.91 -12.94 -27.58
C LYS B 374 17.37 -12.58 -26.19
N VAL B 375 18.03 -11.64 -25.52
CA VAL B 375 17.60 -11.21 -24.20
C VAL B 375 17.98 -9.76 -24.01
N GLY B 376 16.99 -8.94 -23.66
CA GLY B 376 17.27 -7.53 -23.44
C GLY B 376 18.09 -7.38 -22.18
N ILE B 377 19.28 -6.78 -22.28
CA ILE B 377 20.12 -6.62 -21.11
C ILE B 377 20.17 -5.20 -20.56
N SER B 378 19.90 -4.22 -21.41
CA SER B 378 19.93 -2.83 -20.97
C SER B 378 19.14 -1.93 -21.90
N TYR B 379 18.88 -0.71 -21.45
CA TYR B 379 18.15 0.26 -22.25
C TYR B 379 19.03 1.45 -22.64
N LYS B 380 18.87 1.91 -23.87
CA LYS B 380 19.63 3.04 -24.37
C LYS B 380 18.62 4.10 -24.81
N LEU B 381 18.81 5.33 -24.35
CA LEU B 381 17.91 6.40 -24.72
C LEU B 381 18.47 7.17 -25.91
N ASN B 382 18.42 8.49 -25.83
CA ASN B 382 18.90 9.35 -26.90
C ASN B 382 20.26 8.89 -27.46
N GLY B 383 21.03 8.20 -26.64
CA GLY B 383 22.33 7.73 -27.09
C GLY B 383 23.10 6.95 -26.04
N LYS B 384 22.83 7.24 -24.78
CA LYS B 384 23.51 6.56 -23.68
C LYS B 384 22.58 5.62 -22.92
N ARG B 385 23.18 4.64 -22.23
CA ARG B 385 22.41 3.68 -21.48
C ARG B 385 21.78 4.31 -20.24
N ILE B 386 20.53 3.96 -19.97
CA ILE B 386 19.85 4.47 -18.79
C ILE B 386 19.94 3.37 -17.74
N PRO B 387 20.48 3.69 -16.55
CA PRO B 387 20.62 2.72 -15.47
C PRO B 387 19.35 2.41 -14.69
N TYR B 388 18.22 2.96 -15.12
CA TYR B 388 16.95 2.72 -14.46
C TYR B 388 15.80 2.47 -15.43
N PHE B 389 14.72 1.87 -14.93
CA PHE B 389 13.52 1.59 -15.73
C PHE B 389 12.67 2.87 -15.66
N PRO B 390 12.45 3.53 -16.80
CA PRO B 390 11.66 4.77 -16.92
C PRO B 390 10.22 4.66 -16.41
N ALA B 391 9.78 5.69 -15.70
CA ALA B 391 8.43 5.72 -15.15
C ALA B 391 7.40 6.20 -16.18
N ASN B 392 7.85 7.09 -17.07
CA ASN B 392 6.99 7.68 -18.09
C ASN B 392 6.84 6.79 -19.33
N GLN B 393 5.62 6.67 -19.84
CA GLN B 393 5.36 5.85 -21.02
C GLN B 393 6.05 6.38 -22.27
N GLU B 394 6.14 7.70 -22.44
CA GLU B 394 6.79 8.26 -23.61
C GLU B 394 8.29 7.94 -23.65
N ILE B 395 8.96 7.96 -22.50
CA ILE B 395 10.38 7.63 -22.47
C ILE B 395 10.55 6.15 -22.74
N LEU B 396 9.75 5.32 -22.06
CA LEU B 396 9.82 3.87 -22.23
C LEU B 396 9.53 3.49 -23.68
N GLN B 397 8.73 4.32 -24.35
CA GLN B 397 8.37 4.08 -25.74
C GLN B 397 9.53 4.45 -26.68
N LYS B 398 10.45 5.25 -26.18
CA LYS B 398 11.61 5.69 -26.96
C LYS B 398 12.88 4.88 -26.73
N VAL B 399 12.90 4.03 -25.71
CA VAL B 399 14.10 3.27 -25.40
C VAL B 399 14.60 2.30 -26.47
N GLU B 400 15.91 2.28 -26.60
CA GLU B 400 16.62 1.41 -27.53
C GLU B 400 17.10 0.25 -26.65
N VAL B 401 16.91 -0.98 -27.13
CA VAL B 401 17.29 -2.16 -26.36
C VAL B 401 18.58 -2.82 -26.84
N GLU B 402 19.46 -3.15 -25.89
CA GLU B 402 20.70 -3.83 -26.25
C GLU B 402 20.45 -5.30 -25.91
N TYR B 403 20.59 -6.17 -26.90
CA TYR B 403 20.35 -7.60 -26.70
C TYR B 403 21.62 -8.45 -26.62
N GLU B 404 21.48 -9.60 -25.98
CA GLU B 404 22.55 -10.58 -25.86
C GLU B 404 21.95 -11.80 -26.54
N THR B 405 22.65 -12.35 -27.52
CA THR B 405 22.17 -13.53 -28.22
C THR B 405 22.77 -14.78 -27.63
N LEU B 406 21.90 -15.70 -27.23
CA LEU B 406 22.32 -16.95 -26.63
C LEU B 406 21.91 -18.11 -27.51
N PRO B 407 22.74 -19.16 -27.56
CA PRO B 407 22.40 -20.32 -28.39
C PRO B 407 21.28 -21.14 -27.75
N GLY B 408 20.40 -21.68 -28.59
CA GLY B 408 19.30 -22.48 -28.07
C GLY B 408 19.74 -23.92 -27.81
N TRP B 409 18.94 -24.66 -27.05
CA TRP B 409 19.29 -26.04 -26.79
C TRP B 409 18.67 -26.95 -27.85
N LYS B 410 17.69 -26.43 -28.58
CA LYS B 410 17.04 -27.20 -29.63
C LYS B 410 16.77 -28.63 -29.18
N ALA B 411 16.02 -28.76 -28.10
CA ALA B 411 15.68 -30.08 -27.55
C ALA B 411 14.45 -29.98 -26.65
N ASP B 412 13.71 -31.08 -26.56
CA ASP B 412 12.50 -31.17 -25.75
C ASP B 412 12.83 -31.36 -24.27
N THR B 413 12.54 -30.34 -23.46
CA THR B 413 12.82 -30.39 -22.02
C THR B 413 11.59 -30.69 -21.17
N THR B 414 10.50 -31.04 -21.83
CA THR B 414 9.23 -31.35 -21.19
C THR B 414 9.28 -32.43 -20.10
N GLY B 415 10.15 -33.41 -20.28
CA GLY B 415 10.26 -34.49 -19.29
C GLY B 415 11.32 -34.28 -18.23
N ALA B 416 12.06 -33.17 -18.34
CA ALA B 416 13.12 -32.87 -17.37
C ALA B 416 12.56 -32.81 -15.96
N ARG B 417 13.32 -33.32 -14.99
CA ARG B 417 12.88 -33.35 -13.61
C ARG B 417 14.07 -33.09 -12.66
N LYS B 418 15.27 -33.10 -13.22
CA LYS B 418 16.48 -32.84 -12.47
C LYS B 418 17.27 -31.79 -13.25
N TRP B 419 18.10 -31.02 -12.55
CA TRP B 419 18.92 -30.00 -13.19
C TRP B 419 19.81 -30.67 -14.24
N GLU B 420 20.19 -31.91 -13.97
CA GLU B 420 21.06 -32.68 -14.85
C GLU B 420 20.36 -33.13 -16.14
N ASP B 421 19.03 -33.09 -16.15
CA ASP B 421 18.30 -33.51 -17.33
C ASP B 421 18.27 -32.44 -18.42
N LEU B 422 18.47 -31.19 -18.00
CA LEU B 422 18.48 -30.06 -18.94
C LEU B 422 19.78 -29.96 -19.73
N PRO B 423 19.67 -29.84 -21.06
CA PRO B 423 20.88 -29.73 -21.87
C PRO B 423 21.72 -28.50 -21.50
N PRO B 424 22.98 -28.44 -21.98
CA PRO B 424 23.92 -27.34 -21.72
C PRO B 424 23.40 -25.92 -21.97
N GLN B 425 22.81 -25.70 -23.15
CA GLN B 425 22.30 -24.37 -23.47
C GLN B 425 21.12 -23.94 -22.61
N ALA B 426 20.37 -24.88 -22.07
CA ALA B 426 19.23 -24.54 -21.21
C ALA B 426 19.78 -24.13 -19.85
N GLN B 427 20.63 -24.96 -19.29
CA GLN B 427 21.25 -24.67 -18.00
C GLN B 427 21.93 -23.32 -18.09
N SER B 428 22.54 -23.06 -19.23
CA SER B 428 23.24 -21.82 -19.48
C SER B 428 22.25 -20.66 -19.47
N TYR B 429 21.05 -20.91 -19.97
CA TYR B 429 20.02 -19.89 -20.01
C TYR B 429 19.52 -19.61 -18.60
N VAL B 430 19.39 -20.66 -17.78
CA VAL B 430 18.94 -20.48 -16.40
C VAL B 430 19.96 -19.62 -15.62
N ARG B 431 21.24 -19.87 -15.86
CA ARG B 431 22.32 -19.14 -15.20
C ARG B 431 22.32 -17.68 -15.61
N PHE B 432 22.11 -17.45 -16.90
CA PHE B 432 22.10 -16.10 -17.42
C PHE B 432 21.12 -15.25 -16.60
N VAL B 433 19.90 -15.76 -16.44
CA VAL B 433 18.89 -15.04 -15.67
C VAL B 433 19.40 -14.82 -14.25
N GLU B 434 19.84 -15.90 -13.60
CA GLU B 434 20.36 -15.81 -12.24
C GLU B 434 21.41 -14.72 -12.09
N ASN B 435 22.45 -14.82 -12.91
CA ASN B 435 23.57 -13.89 -12.88
C ASN B 435 23.15 -12.43 -13.11
N HIS B 436 22.41 -12.18 -14.18
CA HIS B 436 22.00 -10.82 -14.49
C HIS B 436 20.99 -10.18 -13.55
N MET B 437 20.22 -10.99 -12.83
CA MET B 437 19.23 -10.46 -11.90
C MET B 437 19.81 -10.41 -10.49
N GLY B 438 20.82 -11.24 -10.24
CA GLY B 438 21.43 -11.27 -8.93
C GLY B 438 20.61 -12.08 -7.94
N VAL B 439 19.63 -12.82 -8.44
CA VAL B 439 18.78 -13.66 -7.61
C VAL B 439 18.87 -15.09 -8.10
N ALA B 440 19.02 -16.03 -7.17
CA ALA B 440 19.13 -17.43 -7.56
C ALA B 440 17.80 -17.99 -8.06
N VAL B 441 17.90 -18.94 -9.00
CA VAL B 441 16.71 -19.60 -9.55
C VAL B 441 16.50 -20.88 -8.73
N LYS B 442 15.32 -20.99 -8.10
CA LYS B 442 15.01 -22.18 -7.30
C LYS B 442 14.16 -23.22 -8.04
N TRP B 443 13.34 -22.77 -8.99
CA TRP B 443 12.49 -23.67 -9.78
C TRP B 443 12.52 -23.34 -11.27
N VAL B 444 12.52 -24.38 -12.09
CA VAL B 444 12.49 -24.21 -13.54
C VAL B 444 11.28 -24.98 -14.04
N GLY B 445 10.35 -24.25 -14.63
CA GLY B 445 9.14 -24.88 -15.13
C GLY B 445 9.22 -25.25 -16.60
N VAL B 446 8.80 -26.46 -16.93
CA VAL B 446 8.83 -26.93 -18.31
C VAL B 446 7.46 -27.47 -18.73
N GLY B 447 6.42 -27.10 -17.99
CA GLY B 447 5.08 -27.58 -18.34
C GLY B 447 3.99 -27.06 -17.41
N LYS B 448 2.75 -27.16 -17.86
CA LYS B 448 1.60 -26.70 -17.08
C LYS B 448 1.42 -27.49 -15.79
N SER B 449 1.55 -28.81 -15.90
CA SER B 449 1.36 -29.71 -14.75
C SER B 449 2.29 -29.50 -13.57
N ARG B 450 1.80 -29.85 -12.38
CA ARG B 450 2.54 -29.72 -11.14
C ARG B 450 3.85 -30.50 -11.15
N GLU B 451 3.86 -31.63 -11.83
CA GLU B 451 5.06 -32.46 -11.92
C GLU B 451 6.09 -31.91 -12.91
N SER B 452 5.65 -31.02 -13.78
CA SER B 452 6.54 -30.45 -14.79
C SER B 452 7.47 -29.38 -14.22
N MET B 453 8.09 -29.67 -13.08
CA MET B 453 8.99 -28.74 -12.43
C MET B 453 10.35 -29.36 -12.12
N ILE B 454 11.31 -28.49 -11.83
CA ILE B 454 12.65 -28.89 -11.46
C ILE B 454 13.11 -27.99 -10.33
N GLN B 455 13.35 -28.57 -9.16
CA GLN B 455 13.82 -27.77 -8.03
C GLN B 455 15.35 -27.84 -8.02
N LEU B 456 16.00 -26.69 -7.99
CA LEU B 456 17.46 -26.64 -8.02
C LEU B 456 18.13 -26.58 -6.64
N PHE B 457 17.33 -26.41 -5.59
CA PHE B 457 17.86 -26.36 -4.23
C PHE B 457 16.76 -26.09 -3.22
C ACT C . 3.41 14.49 14.64
O ACT C . 3.71 13.33 14.99
OXT ACT C . 2.88 14.72 13.53
CH3 ACT C . 3.25 15.54 15.72
C ACT D . -5.19 18.87 11.33
O ACT D . -4.37 19.77 11.61
OXT ACT D . -6.42 19.01 11.49
CH3 ACT D . -4.66 17.46 11.16
P IMP E . -7.64 13.68 5.37
O1P IMP E . -7.43 15.19 5.23
O2P IMP E . -8.47 13.10 4.24
O3P IMP E . -6.33 12.93 5.59
O5' IMP E . -8.55 13.49 6.71
C5' IMP E . -8.95 12.17 7.17
C4' IMP E . -8.81 12.10 8.67
O4' IMP E . -7.41 12.01 9.03
C3' IMP E . -9.38 13.30 9.42
O3' IMP E . -10.12 12.89 10.56
C2' IMP E . -8.13 14.09 9.80
O2' IMP E . -8.31 14.87 10.97
C1' IMP E . -7.12 12.96 10.03
N9 IMP E . -5.74 13.39 9.87
C8 IMP E . -4.99 13.40 8.72
N7 IMP E . -3.75 13.80 8.90
C5 IMP E . -3.68 14.07 10.26
C6 IMP E . -2.65 14.53 11.08
O6 IMP E . -1.49 14.46 10.69
N1 IMP E . -2.92 14.71 12.38
C2 IMP E . -4.15 14.44 12.83
N3 IMP E . -5.20 13.99 12.16
C4 IMP E . -4.90 13.82 10.86
MG MG F . -3.99 -16.87 -15.97
P IMP G . -7.82 -4.12 -13.98
O1P IMP G . -8.22 -2.79 -13.40
O2P IMP G . -7.07 -4.99 -12.97
O3P IMP G . -8.99 -4.86 -14.63
O5' IMP G . -6.78 -3.81 -15.19
C5' IMP G . -5.50 -3.23 -14.92
C4' IMP G . -4.57 -3.41 -16.11
O4' IMP G . -4.20 -4.80 -16.26
C3' IMP G . -5.14 -3.07 -17.47
O3' IMP G . -5.14 -1.66 -17.65
C2' IMP G . -4.20 -3.79 -18.42
O2' IMP G . -3.04 -3.05 -18.75
C1' IMP G . -3.79 -5.02 -17.59
N9 IMP G . -4.38 -6.26 -18.07
C8 IMP G . -5.67 -6.47 -18.51
N7 IMP G . -5.91 -7.69 -18.89
C5 IMP G . -4.70 -8.35 -18.68
C6 IMP G . -4.29 -9.68 -18.89
O6 IMP G . -5.05 -10.47 -19.42
N1 IMP G . -3.02 -10.00 -18.57
C2 IMP G . -2.22 -9.05 -18.10
N3 IMP G . -2.48 -7.77 -17.85
C4 IMP G . -3.76 -7.48 -18.17
P IMP H . -0.94 -18.35 -14.63
O1P IMP H . -1.13 -19.35 -13.51
O2P IMP H . -2.26 -17.80 -15.18
O3P IMP H . 0.05 -17.25 -14.27
O5' IMP H . -0.27 -19.18 -15.86
C5' IMP H . -0.52 -18.84 -17.23
C4' IMP H . -0.48 -20.09 -18.08
O4' IMP H . 0.85 -20.65 -18.14
C3' IMP H . -1.39 -21.22 -17.64
O3' IMP H . -2.20 -21.65 -18.74
C2' IMP H . -0.43 -22.29 -17.14
O2' IMP H . -0.95 -23.60 -17.25
C1' IMP H . 0.76 -22.06 -18.05
N9 IMP H . 2.04 -22.55 -17.53
C8 IMP H . 2.51 -22.49 -16.24
N7 IMP H . 3.71 -22.97 -16.08
C5 IMP H . 4.07 -23.39 -17.35
C6 IMP H . 5.24 -23.98 -17.86
O6 IMP H . 6.27 -24.02 -17.19
N1 IMP H . 5.27 -24.29 -19.19
C2 IMP H . 4.19 -23.99 -19.93
N3 IMP H . 3.04 -23.43 -19.57
C4 IMP H . 3.04 -23.16 -18.25
#